data_1YGM
#
_entry.id   1YGM
#
_cell.length_a   1.000
_cell.length_b   1.000
_cell.length_c   1.000
_cell.angle_alpha   90.00
_cell.angle_beta   90.00
_cell.angle_gamma   90.00
#
_symmetry.space_group_name_H-M   'P 1'
#
_entity_poly.entity_id   1
_entity_poly.type   'polypeptide(L)'
_entity_poly.pdbx_seq_one_letter_code
;GSHGMFCTFFEKHHRKWDILLEKSTGVMEAMKVTSEEKEQLSTAIDRMNEGLDAFIQLYNESEIDEPLIQLDDDTAELMK
QARDMYGQEKLNEKLNTIIKQILSISVSEEGEKELVPR
;
_entity_poly.pdbx_strand_id   A
#
# COMPACT_ATOMS: atom_id res chain seq x y z
N CYS A 7 2.52 14.52 6.87
CA CYS A 7 2.81 13.45 7.81
C CYS A 7 3.78 13.99 8.87
N THR A 8 4.93 14.43 8.40
CA THR A 8 5.95 14.97 9.29
C THR A 8 5.89 16.50 9.31
N PHE A 9 5.06 17.03 8.42
CA PHE A 9 4.89 18.48 8.33
C PHE A 9 3.57 18.92 8.93
N PHE A 10 2.51 18.71 8.17
CA PHE A 10 1.18 19.08 8.62
C PHE A 10 0.25 17.86 8.68
N GLU A 11 0.00 17.29 7.52
CA GLU A 11 -0.85 16.12 7.42
C GLU A 11 -0.52 15.13 8.54
N LYS A 12 -1.39 14.14 8.70
CA LYS A 12 -1.21 13.13 9.72
C LYS A 12 -1.13 11.74 9.06
N HIS A 13 -2.28 11.26 8.64
CA HIS A 13 -2.36 9.96 7.99
C HIS A 13 -2.41 10.15 6.48
N HIS A 14 -2.85 11.33 6.06
CA HIS A 14 -2.95 11.65 4.65
C HIS A 14 -1.58 11.45 3.99
N ARG A 15 -0.54 11.61 4.80
CA ARG A 15 0.81 11.45 4.30
C ARG A 15 1.51 10.27 5.00
N LYS A 16 0.71 9.49 5.70
CA LYS A 16 1.22 8.33 6.41
C LYS A 16 1.07 7.09 5.54
N TRP A 17 -0.11 6.95 4.95
CA TRP A 17 -0.39 5.82 4.09
C TRP A 17 0.71 5.74 3.02
N ASP A 18 1.12 6.92 2.57
CA ASP A 18 2.15 7.00 1.55
C ASP A 18 3.52 6.70 2.20
N ILE A 19 3.60 6.95 3.49
CA ILE A 19 4.82 6.71 4.23
C ILE A 19 4.99 5.21 4.47
N LEU A 20 3.85 4.55 4.66
CA LEU A 20 3.85 3.12 4.90
C LEU A 20 4.07 2.38 3.58
N LEU A 21 3.60 3.01 2.51
CA LEU A 21 3.73 2.43 1.18
C LEU A 21 5.06 2.90 0.55
N GLU A 22 5.62 3.94 1.15
CA GLU A 22 6.87 4.49 0.66
C GLU A 22 8.04 3.94 1.48
N LYS A 23 7.70 3.40 2.64
CA LYS A 23 8.72 2.85 3.52
C LYS A 23 8.69 1.32 3.44
N SER A 24 7.48 0.79 3.28
CA SER A 24 7.29 -0.64 3.17
C SER A 24 7.98 -1.16 1.91
N THR A 25 7.49 -0.71 0.78
CA THR A 25 8.04 -1.12 -0.51
C THR A 25 8.53 0.10 -1.30
N GLY A 26 9.13 1.03 -0.57
CA GLY A 26 9.64 2.24 -1.19
C GLY A 26 11.11 2.48 -0.81
N VAL A 27 11.62 1.59 0.03
CA VAL A 27 13.00 1.69 0.46
C VAL A 27 13.73 0.38 0.16
N MET A 28 13.05 -0.72 0.45
CA MET A 28 13.62 -2.04 0.22
C MET A 28 14.62 -2.40 1.30
N GLU A 29 14.38 -1.89 2.50
CA GLU A 29 15.25 -2.15 3.62
C GLU A 29 14.85 -1.30 4.82
N ALA A 30 14.62 -0.02 4.56
CA ALA A 30 14.23 0.90 5.61
C ALA A 30 12.94 0.40 6.27
N MET A 31 12.28 -0.52 5.58
CA MET A 31 11.04 -1.10 6.09
C MET A 31 10.66 -2.35 5.30
N LYS A 32 11.66 -2.95 4.69
CA LYS A 32 11.44 -4.15 3.89
C LYS A 32 12.30 -5.29 4.46
N VAL A 33 13.18 -4.93 5.38
CA VAL A 33 14.05 -5.90 6.01
C VAL A 33 13.82 -5.90 7.52
N THR A 34 12.56 -6.08 7.90
CA THR A 34 12.20 -6.10 9.30
C THR A 34 11.87 -7.53 9.75
N SER A 35 11.96 -8.45 8.80
CA SER A 35 11.67 -9.84 9.07
C SER A 35 11.00 -10.50 7.86
N GLU A 36 10.55 -9.65 6.95
CA GLU A 36 9.91 -10.13 5.73
C GLU A 36 8.44 -10.45 6.02
N GLU A 37 8.23 -11.51 6.79
CA GLU A 37 6.89 -11.94 7.14
C GLU A 37 6.25 -10.93 8.10
N LYS A 38 7.09 -10.37 8.96
CA LYS A 38 6.62 -9.39 9.92
C LYS A 38 6.75 -7.99 9.34
N GLU A 39 7.62 -7.87 8.35
CA GLU A 39 7.85 -6.59 7.69
C GLU A 39 6.71 -6.31 6.69
N GLN A 40 5.97 -7.35 6.37
CA GLN A 40 4.87 -7.22 5.44
C GLN A 40 3.53 -7.31 6.19
N LEU A 41 3.50 -8.15 7.20
CA LEU A 41 2.30 -8.33 8.00
C LEU A 41 2.19 -7.19 9.01
N SER A 42 3.22 -7.06 9.82
CA SER A 42 3.25 -6.01 10.83
C SER A 42 3.05 -4.64 10.17
N THR A 43 3.50 -4.54 8.94
CA THR A 43 3.38 -3.30 8.19
C THR A 43 2.05 -3.26 7.45
N ALA A 44 1.49 -4.44 7.23
CA ALA A 44 0.21 -4.55 6.53
C ALA A 44 -0.93 -4.32 7.52
N ILE A 45 -0.56 -4.32 8.80
CA ILE A 45 -1.55 -4.11 9.85
C ILE A 45 -1.14 -2.90 10.69
N ASP A 46 0.17 -2.70 10.78
CA ASP A 46 0.70 -1.58 11.54
C ASP A 46 -0.18 -0.35 11.33
N ARG A 47 -0.08 0.19 10.12
CA ARG A 47 -0.87 1.37 9.77
C ARG A 47 -1.97 1.00 8.78
N MET A 48 -1.68 0.00 7.97
CA MET A 48 -2.62 -0.47 6.96
C MET A 48 -3.93 -0.93 7.62
N ASN A 49 -3.81 -1.30 8.88
CA ASN A 49 -4.97 -1.77 9.64
C ASN A 49 -6.03 -0.67 9.65
N GLU A 50 -5.90 0.21 10.65
CA GLU A 50 -6.84 1.31 10.79
C GLU A 50 -6.45 2.46 9.87
N GLY A 51 -5.18 2.49 9.50
CA GLY A 51 -4.67 3.53 8.63
C GLY A 51 -5.29 3.42 7.23
N LEU A 52 -5.40 2.18 6.76
CA LEU A 52 -5.96 1.92 5.45
C LEU A 52 -7.49 2.06 5.53
N ASP A 53 -8.06 1.36 6.50
CA ASP A 53 -9.50 1.39 6.69
C ASP A 53 -9.95 2.83 6.92
N ALA A 54 -9.09 3.59 7.58
CA ALA A 54 -9.39 4.98 7.86
C ALA A 54 -9.11 5.83 6.62
N PHE A 55 -7.83 5.96 6.31
CA PHE A 55 -7.42 6.74 5.16
C PHE A 55 -8.29 6.42 3.95
N ILE A 56 -8.62 5.15 3.80
CA ILE A 56 -9.44 4.70 2.70
C ILE A 56 -10.84 5.32 2.83
N GLN A 57 -11.36 5.27 4.05
CA GLN A 57 -12.67 5.82 4.32
C GLN A 57 -12.65 7.35 4.22
N LEU A 58 -11.44 7.88 4.10
CA LEU A 58 -11.26 9.32 4.00
C LEU A 58 -10.88 9.68 2.57
N TYR A 59 -10.25 8.72 1.90
CA TYR A 59 -9.83 8.93 0.52
C TYR A 59 -10.48 7.89 -0.41
N ASN A 60 -10.12 6.64 -0.19
CA ASN A 60 -10.65 5.56 -1.00
C ASN A 60 -10.21 5.74 -2.45
N GLU A 61 -9.05 6.35 -2.61
CA GLU A 61 -8.50 6.60 -3.94
C GLU A 61 -7.07 6.11 -4.02
N SER A 62 -6.52 5.76 -2.87
CA SER A 62 -5.15 5.27 -2.80
C SER A 62 -4.20 6.44 -2.52
N GLU A 63 -4.77 7.54 -2.03
CA GLU A 63 -3.99 8.71 -1.72
C GLU A 63 -4.03 9.71 -2.89
N ILE A 64 -5.25 10.07 -3.27
CA ILE A 64 -5.44 11.00 -4.37
C ILE A 64 -5.35 12.43 -3.83
N ASP A 65 -6.15 12.72 -2.82
CA ASP A 65 -6.16 14.03 -2.22
C ASP A 65 -4.74 14.60 -2.21
N GLU A 66 -3.79 13.75 -1.87
CA GLU A 66 -2.40 14.15 -1.82
C GLU A 66 -1.90 14.49 -3.22
N PRO A 67 -1.49 15.77 -3.39
CA PRO A 67 -0.99 16.24 -4.67
C PRO A 67 0.42 15.72 -4.94
N LEU A 68 0.48 14.61 -5.66
CA LEU A 68 1.77 13.99 -5.99
C LEU A 68 1.86 13.81 -7.51
N ILE A 69 1.06 12.90 -8.02
CA ILE A 69 1.05 12.62 -9.44
C ILE A 69 -0.40 12.39 -9.91
N GLN A 70 -1.16 11.73 -9.05
CA GLN A 70 -2.54 11.43 -9.35
C GLN A 70 -3.16 10.58 -8.23
N LEU A 71 -2.73 9.34 -8.18
CA LEU A 71 -3.24 8.42 -7.17
C LEU A 71 -2.92 6.99 -7.59
N ASP A 72 -3.16 6.71 -8.86
CA ASP A 72 -2.91 5.38 -9.41
C ASP A 72 -1.43 5.07 -9.30
N ASP A 73 -0.63 5.85 -10.02
CA ASP A 73 0.81 5.67 -10.02
C ASP A 73 1.37 6.08 -8.65
N ASP A 74 0.69 7.02 -8.03
CA ASP A 74 1.11 7.51 -6.73
C ASP A 74 1.37 6.32 -5.80
N THR A 75 0.54 5.30 -5.95
CA THR A 75 0.67 4.10 -5.14
C THR A 75 0.86 2.87 -6.02
N ALA A 76 -0.08 2.71 -6.95
CA ALA A 76 -0.03 1.58 -7.87
C ALA A 76 1.39 1.44 -8.42
N GLU A 77 1.98 2.58 -8.75
CA GLU A 77 3.33 2.59 -9.29
C GLU A 77 4.30 1.95 -8.30
N LEU A 78 3.94 2.03 -7.03
CA LEU A 78 4.77 1.46 -5.97
C LEU A 78 4.56 -0.05 -5.93
N MET A 79 3.30 -0.44 -5.79
CA MET A 79 2.95 -1.85 -5.72
C MET A 79 3.13 -2.52 -7.08
N LYS A 80 3.25 -1.69 -8.11
CA LYS A 80 3.41 -2.18 -9.46
C LYS A 80 4.90 -2.49 -9.70
N GLN A 81 5.73 -1.51 -9.40
CA GLN A 81 7.17 -1.67 -9.58
C GLN A 81 7.68 -2.84 -8.75
N ALA A 82 7.08 -2.99 -7.57
CA ALA A 82 7.46 -4.07 -6.67
C ALA A 82 6.88 -5.38 -7.18
N ARG A 83 5.57 -5.36 -7.40
CA ARG A 83 4.87 -6.55 -7.88
C ARG A 83 5.28 -6.86 -9.32
N ASP A 84 6.11 -5.98 -9.87
CA ASP A 84 6.59 -6.16 -11.23
C ASP A 84 8.10 -6.41 -11.21
N MET A 85 8.72 -6.05 -10.10
CA MET A 85 10.15 -6.23 -9.95
C MET A 85 10.45 -7.49 -9.13
N TYR A 86 9.74 -7.62 -8.02
CA TYR A 86 9.92 -8.78 -7.15
C TYR A 86 8.57 -9.42 -6.82
N GLY A 87 7.62 -8.58 -6.48
CA GLY A 87 6.29 -9.06 -6.13
C GLY A 87 5.55 -8.03 -5.26
N GLN A 88 6.32 -7.20 -4.59
CA GLN A 88 5.76 -6.18 -3.72
C GLN A 88 6.77 -5.80 -2.64
N GLU A 89 7.59 -6.77 -2.27
CA GLU A 89 8.60 -6.54 -1.24
C GLU A 89 9.56 -7.73 -1.17
N LYS A 90 9.62 -8.47 -2.27
CA LYS A 90 10.49 -9.62 -2.35
C LYS A 90 9.89 -10.76 -1.52
N LEU A 91 8.60 -10.63 -1.24
CA LEU A 91 7.89 -11.63 -0.45
C LEU A 91 6.66 -12.10 -1.25
N ASN A 92 6.62 -11.71 -2.51
CA ASN A 92 5.52 -12.10 -3.38
C ASN A 92 4.99 -13.46 -2.93
N GLU A 93 5.91 -14.37 -2.67
CA GLU A 93 5.54 -15.71 -2.25
C GLU A 93 4.36 -15.65 -1.28
N LYS A 94 4.46 -14.74 -0.32
CA LYS A 94 3.41 -14.56 0.67
C LYS A 94 2.76 -13.19 0.49
N LEU A 95 3.45 -12.34 -0.25
CA LEU A 95 2.97 -11.00 -0.51
C LEU A 95 1.67 -11.08 -1.32
N ASN A 96 1.70 -11.92 -2.34
CA ASN A 96 0.54 -12.10 -3.20
C ASN A 96 -0.73 -12.02 -2.34
N THR A 97 -0.62 -12.52 -1.12
CA THR A 97 -1.75 -12.51 -0.20
C THR A 97 -1.77 -11.23 0.61
N ILE A 98 -0.57 -10.78 0.98
CA ILE A 98 -0.43 -9.57 1.76
C ILE A 98 -0.88 -8.37 0.93
N ILE A 99 -0.50 -8.39 -0.35
CA ILE A 99 -0.86 -7.32 -1.26
C ILE A 99 -2.31 -7.49 -1.69
N LYS A 100 -2.68 -8.74 -1.94
CA LYS A 100 -4.04 -9.05 -2.37
C LYS A 100 -5.01 -8.70 -1.24
N GLN A 101 -4.49 -8.75 -0.02
CA GLN A 101 -5.30 -8.43 1.15
C GLN A 101 -5.34 -6.92 1.38
N ILE A 102 -4.18 -6.31 1.25
CA ILE A 102 -4.06 -4.87 1.44
C ILE A 102 -4.48 -4.15 0.15
N LEU A 103 -4.87 -4.95 -0.82
CA LEU A 103 -5.30 -4.41 -2.11
C LEU A 103 -6.76 -4.81 -2.36
N SER A 104 -7.16 -5.89 -1.71
CA SER A 104 -8.53 -6.38 -1.85
C SER A 104 -9.38 -5.92 -0.67
N ILE A 105 -8.70 -5.41 0.34
CA ILE A 105 -9.39 -4.92 1.54
C ILE A 105 -10.24 -3.70 1.17
N SER A 106 -10.08 -3.27 -0.07
CA SER A 106 -10.82 -2.12 -0.55
C SER A 106 -9.98 -0.85 -0.40
N VAL A 107 -8.69 -0.98 -0.67
CA VAL A 107 -7.78 0.14 -0.56
C VAL A 107 -7.28 0.52 -1.96
N SER A 108 -7.18 -0.49 -2.81
CA SER A 108 -6.73 -0.28 -4.16
C SER A 108 -7.41 0.95 -4.77
N GLU A 109 -8.74 0.93 -4.69
CA GLU A 109 -9.54 2.03 -5.22
C GLU A 109 -11.02 1.66 -5.19
N GLU A 110 -11.39 0.87 -4.20
CA GLU A 110 -12.77 0.43 -4.05
C GLU A 110 -13.46 0.38 -5.43
N GLY A 111 -12.72 -0.11 -6.40
CA GLY A 111 -13.23 -0.22 -7.75
C GLY A 111 -13.62 -1.67 -8.07
N GLU A 112 -14.46 -2.23 -7.20
CA GLU A 112 -14.92 -3.59 -7.38
C GLU A 112 -13.75 -4.57 -7.28
N LYS A 113 -12.80 -4.22 -6.42
CA LYS A 113 -11.62 -5.05 -6.23
C LYS A 113 -10.52 -4.59 -7.19
N GLU A 114 -10.94 -4.27 -8.40
CA GLU A 114 -10.00 -3.82 -9.42
C GLU A 114 -10.67 -3.87 -10.80
N LEU A 115 -11.51 -2.87 -11.04
CA LEU A 115 -12.20 -2.79 -12.32
C LEU A 115 -13.07 -4.03 -12.52
N VAL A 116 -12.44 -5.07 -13.06
CA VAL A 116 -13.14 -6.32 -13.29
C VAL A 116 -12.46 -7.44 -12.49
N PRO A 117 -13.31 -8.24 -11.79
CA PRO A 117 -12.80 -9.34 -10.99
C PRO A 117 -12.37 -10.51 -11.87
N ARG A 118 -13.28 -10.92 -12.74
CA ARG A 118 -13.01 -12.04 -13.64
C ARG A 118 -12.70 -11.51 -15.04
N CYS A 7 3.13 14.13 3.95
CA CYS A 7 3.31 13.57 5.28
C CYS A 7 4.75 13.79 5.72
N THR A 8 5.57 14.23 4.77
CA THR A 8 6.97 14.48 5.04
C THR A 8 7.12 15.70 5.95
N PHE A 9 6.31 16.71 5.69
CA PHE A 9 6.33 17.93 6.48
C PHE A 9 5.38 17.84 7.67
N PHE A 10 4.14 18.27 7.43
CA PHE A 10 3.13 18.25 8.47
C PHE A 10 1.95 17.37 8.06
N GLU A 11 1.23 17.83 7.05
CA GLU A 11 0.08 17.11 6.56
C GLU A 11 -0.81 16.66 7.72
N LYS A 12 -1.84 15.89 7.38
CA LYS A 12 -2.76 15.39 8.38
C LYS A 12 -2.60 13.87 8.51
N HIS A 13 -2.33 13.25 7.37
CA HIS A 13 -2.16 11.80 7.34
C HIS A 13 -2.40 11.29 5.93
N HIS A 14 -3.15 12.06 5.17
CA HIS A 14 -3.46 11.70 3.79
C HIS A 14 -2.19 11.19 3.10
N ARG A 15 -1.07 11.79 3.49
CA ARG A 15 0.20 11.40 2.90
C ARG A 15 0.83 10.25 3.70
N LYS A 16 0.45 10.18 4.97
CA LYS A 16 0.96 9.14 5.84
C LYS A 16 0.86 7.79 5.13
N TRP A 17 -0.25 7.60 4.43
CA TRP A 17 -0.48 6.37 3.70
C TRP A 17 0.77 6.06 2.87
N ASP A 18 1.38 7.13 2.38
CA ASP A 18 2.58 7.00 1.57
C ASP A 18 3.77 6.73 2.48
N ILE A 19 3.65 7.19 3.72
CA ILE A 19 4.71 7.01 4.69
C ILE A 19 4.89 5.51 4.96
N LEU A 20 3.78 4.79 4.91
CA LEU A 20 3.80 3.35 5.15
C LEU A 20 4.13 2.63 3.83
N LEU A 21 3.63 3.21 2.75
CA LEU A 21 3.86 2.64 1.43
C LEU A 21 5.29 2.97 0.97
N GLU A 22 5.94 3.80 1.76
CA GLU A 22 7.31 4.21 1.44
C GLU A 22 8.26 3.76 2.56
N LYS A 23 7.68 3.54 3.73
CA LYS A 23 8.46 3.11 4.88
C LYS A 23 8.39 1.59 5.00
N SER A 24 7.50 1.00 4.23
CA SER A 24 7.32 -0.44 4.24
C SER A 24 7.57 -1.01 2.85
N THR A 25 7.05 -0.31 1.85
CA THR A 25 7.20 -0.72 0.46
C THR A 25 7.85 0.38 -0.36
N GLY A 26 8.90 0.96 0.21
CA GLY A 26 9.62 2.04 -0.45
C GLY A 26 10.91 2.39 0.29
N VAL A 27 11.39 1.43 1.06
CA VAL A 27 12.61 1.62 1.83
C VAL A 27 13.60 0.52 1.47
N MET A 28 13.14 -0.72 1.56
CA MET A 28 13.98 -1.87 1.25
C MET A 28 14.86 -2.24 2.46
N GLU A 29 14.31 -2.00 3.63
CA GLU A 29 15.03 -2.30 4.87
C GLU A 29 14.39 -1.58 6.04
N ALA A 30 14.03 -0.33 5.81
CA ALA A 30 13.41 0.48 6.84
C ALA A 30 12.19 -0.26 7.40
N MET A 31 11.64 -1.15 6.58
CA MET A 31 10.48 -1.92 6.96
C MET A 31 9.91 -2.70 5.78
N LYS A 32 10.81 -3.11 4.90
CA LYS A 32 10.41 -3.86 3.72
C LYS A 32 11.07 -5.24 3.75
N VAL A 33 12.01 -5.39 4.67
CA VAL A 33 12.73 -6.66 4.82
C VAL A 33 13.06 -6.88 6.30
N THR A 34 12.01 -6.95 7.11
CA THR A 34 12.19 -7.15 8.53
C THR A 34 12.47 -8.62 8.83
N SER A 35 11.51 -9.46 8.45
CA SER A 35 11.63 -10.89 8.67
C SER A 35 10.73 -11.65 7.69
N GLU A 36 10.41 -10.98 6.59
CA GLU A 36 9.57 -11.57 5.57
C GLU A 36 8.14 -11.77 6.10
N GLU A 37 8.04 -12.60 7.13
CA GLU A 37 6.75 -12.87 7.74
C GLU A 37 6.21 -11.63 8.45
N LYS A 38 7.14 -10.87 9.02
CA LYS A 38 6.78 -9.66 9.74
C LYS A 38 6.82 -8.48 8.77
N GLU A 39 7.67 -8.61 7.76
CA GLU A 39 7.81 -7.56 6.76
C GLU A 39 6.58 -7.52 5.85
N GLN A 40 5.80 -8.59 5.92
CA GLN A 40 4.60 -8.69 5.11
C GLN A 40 3.35 -8.53 5.98
N LEU A 41 3.42 -9.10 7.18
CA LEU A 41 2.31 -9.02 8.11
C LEU A 41 2.46 -7.76 8.96
N SER A 42 3.56 -7.68 9.69
CA SER A 42 3.82 -6.54 10.54
C SER A 42 3.74 -5.25 9.72
N THR A 43 3.99 -5.39 8.43
CA THR A 43 3.94 -4.25 7.52
C THR A 43 2.54 -4.10 6.93
N ALA A 44 1.83 -5.22 6.87
CA ALA A 44 0.48 -5.23 6.31
C ALA A 44 -0.51 -4.86 7.42
N ILE A 45 0.01 -4.77 8.64
CA ILE A 45 -0.81 -4.42 9.78
C ILE A 45 -0.22 -3.19 10.48
N ASP A 46 1.10 -3.10 10.42
CA ASP A 46 1.79 -1.98 11.03
C ASP A 46 0.89 -0.74 11.01
N ARG A 47 0.75 -0.19 9.82
CA ARG A 47 -0.07 1.00 9.64
C ARG A 47 -1.25 0.69 8.70
N MET A 48 -1.09 -0.39 7.95
CA MET A 48 -2.13 -0.80 7.01
C MET A 48 -3.43 -1.12 7.75
N ASN A 49 -3.29 -1.36 9.05
CA ASN A 49 -4.45 -1.68 9.88
C ASN A 49 -5.42 -0.49 9.88
N GLU A 50 -5.16 0.43 10.79
CA GLU A 50 -6.00 1.62 10.91
C GLU A 50 -5.59 2.66 9.86
N GLY A 51 -4.45 2.42 9.25
CA GLY A 51 -3.94 3.33 8.23
C GLY A 51 -4.68 3.14 6.91
N LEU A 52 -4.81 1.87 6.51
CA LEU A 52 -5.49 1.55 5.28
C LEU A 52 -6.99 1.84 5.43
N ASP A 53 -7.48 1.59 6.63
CA ASP A 53 -8.89 1.83 6.92
C ASP A 53 -9.17 3.33 6.92
N ALA A 54 -8.22 4.07 7.49
CA ALA A 54 -8.36 5.52 7.56
C ALA A 54 -7.96 6.13 6.21
N PHE A 55 -6.69 5.98 5.89
CA PHE A 55 -6.17 6.51 4.64
C PHE A 55 -7.16 6.30 3.50
N ILE A 56 -7.58 5.05 3.34
CA ILE A 56 -8.53 4.70 2.30
C ILE A 56 -9.86 5.42 2.56
N GLN A 57 -10.24 5.44 3.83
CA GLN A 57 -11.48 6.09 4.23
C GLN A 57 -11.41 7.58 3.96
N LEU A 58 -10.20 8.05 3.65
CA LEU A 58 -9.98 9.46 3.37
C LEU A 58 -9.61 9.62 1.90
N TYR A 59 -8.99 8.58 1.36
CA TYR A 59 -8.57 8.60 -0.04
C TYR A 59 -9.65 7.97 -0.93
N ASN A 60 -9.75 6.65 -0.84
CA ASN A 60 -10.72 5.91 -1.63
C ASN A 60 -10.05 4.69 -2.24
N GLU A 61 -8.79 4.88 -2.63
CA GLU A 61 -8.03 3.80 -3.23
C GLU A 61 -6.87 4.36 -4.05
N SER A 62 -6.20 5.35 -3.47
CA SER A 62 -5.08 5.99 -4.14
C SER A 62 -5.59 6.90 -5.26
N GLU A 63 -6.35 7.91 -4.86
CA GLU A 63 -6.89 8.86 -5.81
C GLU A 63 -7.68 9.94 -5.09
N ILE A 64 -6.98 10.67 -4.23
CA ILE A 64 -7.61 11.74 -3.47
C ILE A 64 -8.11 12.82 -4.42
N ASP A 65 -7.21 13.22 -5.33
CA ASP A 65 -7.53 14.24 -6.30
C ASP A 65 -7.43 13.65 -7.71
N GLU A 66 -6.20 13.38 -8.11
CA GLU A 66 -5.94 12.81 -9.42
C GLU A 66 -4.54 13.21 -9.90
N PRO A 67 -3.52 12.75 -9.13
CA PRO A 67 -2.13 13.04 -9.46
C PRO A 67 -1.66 12.20 -10.65
N LEU A 68 -1.64 10.88 -10.42
CA LEU A 68 -1.21 9.95 -11.46
C LEU A 68 0.30 9.75 -11.35
N ILE A 69 0.77 9.66 -10.11
CA ILE A 69 2.19 9.47 -9.87
C ILE A 69 2.55 10.01 -8.48
N GLN A 70 1.71 10.94 -8.03
CA GLN A 70 1.93 11.55 -6.72
C GLN A 70 1.39 10.66 -5.61
N LEU A 71 0.37 9.89 -5.97
CA LEU A 71 -0.25 8.98 -5.02
C LEU A 71 -0.95 7.85 -5.77
N ASP A 72 -1.61 8.24 -6.86
CA ASP A 72 -2.32 7.28 -7.69
C ASP A 72 -1.33 6.24 -8.23
N ASP A 73 -0.29 6.75 -8.88
CA ASP A 73 0.72 5.89 -9.45
C ASP A 73 1.88 5.76 -8.46
N ASP A 74 1.90 6.65 -7.48
CA ASP A 74 2.94 6.64 -6.48
C ASP A 74 2.72 5.46 -5.53
N THR A 75 1.46 5.03 -5.47
CA THR A 75 1.10 3.91 -4.61
C THR A 75 0.67 2.71 -5.45
N ALA A 76 -0.07 3.01 -6.50
CA ALA A 76 -0.55 1.96 -7.40
C ALA A 76 0.58 1.49 -8.30
N GLU A 77 1.25 2.47 -8.90
CA GLU A 77 2.35 2.19 -9.80
C GLU A 77 3.58 1.75 -9.00
N LEU A 78 3.62 2.18 -7.75
CA LEU A 78 4.73 1.85 -6.87
C LEU A 78 4.56 0.41 -6.37
N MET A 79 3.41 0.16 -5.75
CA MET A 79 3.13 -1.17 -5.22
C MET A 79 3.09 -2.20 -6.35
N LYS A 80 2.71 -1.73 -7.53
CA LYS A 80 2.62 -2.61 -8.68
C LYS A 80 4.03 -2.95 -9.16
N GLN A 81 4.71 -1.94 -9.68
CA GLN A 81 6.06 -2.12 -10.17
C GLN A 81 6.97 -2.63 -9.06
N ALA A 82 6.47 -2.52 -7.84
CA ALA A 82 7.23 -2.98 -6.69
C ALA A 82 7.12 -4.50 -6.57
N ARG A 83 5.91 -4.95 -6.26
CA ARG A 83 5.66 -6.37 -6.12
C ARG A 83 5.64 -7.04 -7.50
N ASP A 84 5.93 -6.25 -8.52
CA ASP A 84 5.95 -6.76 -9.88
C ASP A 84 7.40 -6.86 -10.36
N MET A 85 8.21 -5.91 -9.90
CA MET A 85 9.61 -5.88 -10.27
C MET A 85 10.50 -6.30 -9.09
N TYR A 86 10.46 -5.49 -8.04
CA TYR A 86 11.25 -5.77 -6.86
C TYR A 86 11.28 -4.55 -5.93
N GLY A 87 10.13 -3.90 -5.81
CA GLY A 87 10.01 -2.74 -4.97
C GLY A 87 9.42 -3.11 -3.60
N GLN A 88 8.51 -4.07 -3.63
CA GLN A 88 7.87 -4.53 -2.40
C GLN A 88 8.79 -5.49 -1.65
N GLU A 89 9.31 -6.46 -2.39
CA GLU A 89 10.20 -7.45 -1.81
C GLU A 89 10.46 -8.59 -2.81
N LYS A 90 9.47 -8.83 -3.65
CA LYS A 90 9.58 -9.87 -4.65
C LYS A 90 9.11 -11.21 -4.05
N LEU A 91 8.22 -11.10 -3.08
CA LEU A 91 7.69 -12.28 -2.42
C LEU A 91 6.18 -12.35 -2.65
N ASN A 92 5.78 -12.02 -3.87
CA ASN A 92 4.37 -12.03 -4.22
C ASN A 92 3.71 -13.27 -3.61
N GLU A 93 4.52 -14.31 -3.44
CA GLU A 93 4.03 -15.56 -2.87
C GLU A 93 3.25 -15.28 -1.59
N LYS A 94 3.76 -14.32 -0.82
CA LYS A 94 3.13 -13.95 0.44
C LYS A 94 2.67 -12.50 0.36
N LEU A 95 3.35 -11.74 -0.48
CA LEU A 95 3.02 -10.33 -0.66
C LEU A 95 1.72 -10.21 -1.43
N ASN A 96 1.39 -11.28 -2.16
CA ASN A 96 0.17 -11.30 -2.95
C ASN A 96 -1.04 -11.38 -2.01
N THR A 97 -0.81 -12.01 -0.87
CA THR A 97 -1.87 -12.17 0.12
C THR A 97 -1.95 -10.94 1.01
N ILE A 98 -0.79 -10.38 1.31
CA ILE A 98 -0.72 -9.20 2.16
C ILE A 98 -1.25 -7.99 1.37
N ILE A 99 -0.87 -7.93 0.10
CA ILE A 99 -1.30 -6.84 -0.76
C ILE A 99 -2.76 -7.03 -1.13
N LYS A 100 -3.08 -8.26 -1.53
CA LYS A 100 -4.44 -8.59 -1.91
C LYS A 100 -5.36 -8.47 -0.70
N GLN A 101 -4.76 -8.63 0.48
CA GLN A 101 -5.50 -8.54 1.72
C GLN A 101 -5.77 -7.08 2.08
N ILE A 102 -4.75 -6.26 1.86
CA ILE A 102 -4.85 -4.84 2.16
C ILE A 102 -5.61 -4.15 1.04
N LEU A 103 -5.85 -4.89 -0.03
CA LEU A 103 -6.56 -4.35 -1.17
C LEU A 103 -7.93 -5.03 -1.27
N SER A 104 -8.05 -6.16 -0.60
CA SER A 104 -9.29 -6.91 -0.60
C SER A 104 -10.01 -6.75 0.74
N ILE A 105 -9.31 -6.11 1.67
CA ILE A 105 -9.87 -5.88 2.99
C ILE A 105 -11.10 -4.97 2.88
N SER A 106 -11.34 -4.51 1.66
CA SER A 106 -12.47 -3.65 1.39
C SER A 106 -12.03 -2.18 1.41
N VAL A 107 -10.76 -1.98 1.10
CA VAL A 107 -10.19 -0.64 1.07
C VAL A 107 -9.76 -0.30 -0.35
N SER A 108 -9.43 -1.34 -1.11
CA SER A 108 -8.99 -1.16 -2.48
C SER A 108 -9.98 -1.85 -3.43
N GLU A 109 -10.49 -2.98 -2.96
CA GLU A 109 -11.43 -3.75 -3.77
C GLU A 109 -12.68 -2.91 -4.06
N GLU A 110 -12.94 -1.96 -3.18
CA GLU A 110 -14.09 -1.08 -3.33
C GLU A 110 -13.82 -0.03 -4.41
N GLY A 111 -12.55 0.07 -4.79
CA GLY A 111 -12.15 1.03 -5.81
C GLY A 111 -12.58 0.56 -7.20
N GLU A 112 -13.86 0.28 -7.34
CA GLU A 112 -14.41 -0.17 -8.60
C GLU A 112 -13.87 -1.56 -8.94
N LYS A 113 -13.73 -2.37 -7.90
CA LYS A 113 -13.22 -3.72 -8.08
C LYS A 113 -11.91 -3.68 -8.86
N GLU A 114 -10.89 -3.18 -8.18
CA GLU A 114 -9.57 -3.07 -8.80
C GLU A 114 -9.62 -2.11 -9.99
N LEU A 115 -9.94 -2.66 -11.14
CA LEU A 115 -10.02 -1.87 -12.36
C LEU A 115 -10.90 -2.60 -13.38
N VAL A 116 -10.35 -3.69 -13.91
CA VAL A 116 -11.07 -4.48 -14.90
C VAL A 116 -10.90 -5.96 -14.57
N PRO A 117 -11.89 -6.77 -15.04
CA PRO A 117 -11.87 -8.20 -14.80
C PRO A 117 -10.84 -8.88 -15.70
N ARG A 118 -9.85 -9.48 -15.06
CA ARG A 118 -8.79 -10.17 -15.78
C ARG A 118 -9.40 -11.15 -16.79
N CYS A 7 2.81 13.94 3.60
CA CYS A 7 3.49 13.45 4.79
C CYS A 7 4.40 14.54 5.32
N THR A 8 4.79 15.44 4.41
CA THR A 8 5.67 16.54 4.78
C THR A 8 4.86 17.67 5.41
N PHE A 9 4.52 18.65 4.58
CA PHE A 9 3.75 19.80 5.04
C PHE A 9 2.39 19.85 4.36
N PHE A 10 2.41 19.53 3.06
CA PHE A 10 1.19 19.55 2.28
C PHE A 10 0.06 18.80 3.00
N GLU A 11 0.25 17.50 3.12
CA GLU A 11 -0.73 16.65 3.78
C GLU A 11 -0.26 16.29 5.20
N LYS A 12 -0.76 15.16 5.68
CA LYS A 12 -0.39 14.70 7.01
C LYS A 12 0.39 13.39 6.88
N HIS A 13 -0.10 12.51 6.02
CA HIS A 13 0.54 11.23 5.80
C HIS A 13 -0.48 10.23 5.29
N HIS A 14 -1.75 10.56 5.50
CA HIS A 14 -2.83 9.69 5.07
C HIS A 14 -2.80 8.38 5.85
N ARG A 15 -2.64 8.52 7.16
CA ARG A 15 -2.58 7.36 8.03
C ARG A 15 -1.24 6.63 7.88
N LYS A 16 -0.23 7.41 7.50
CA LYS A 16 1.10 6.86 7.32
C LYS A 16 1.11 5.93 6.10
N TRP A 17 0.27 6.28 5.13
CA TRP A 17 0.17 5.49 3.92
C TRP A 17 1.42 5.75 3.06
N ASP A 18 1.60 7.02 2.72
CA ASP A 18 2.75 7.40 1.93
C ASP A 18 4.02 7.27 2.76
N ILE A 19 3.87 7.52 4.05
CA ILE A 19 5.00 7.42 4.96
C ILE A 19 5.45 5.97 5.07
N LEU A 20 4.47 5.08 5.00
CA LEU A 20 4.75 3.65 5.09
C LEU A 20 5.10 3.12 3.69
N LEU A 21 4.54 3.78 2.69
CA LEU A 21 4.77 3.39 1.31
C LEU A 21 6.09 3.99 0.83
N GLU A 22 6.64 4.87 1.66
CA GLU A 22 7.89 5.53 1.33
C GLU A 22 8.98 5.11 2.31
N LYS A 23 8.55 4.64 3.47
CA LYS A 23 9.48 4.21 4.50
C LYS A 23 9.73 2.71 4.34
N SER A 24 8.65 1.97 4.17
CA SER A 24 8.73 0.52 4.00
C SER A 24 8.88 0.18 2.52
N THR A 25 7.85 0.51 1.76
CA THR A 25 7.84 0.23 0.34
C THR A 25 8.58 1.34 -0.42
N GLY A 26 9.61 1.87 0.23
CA GLY A 26 10.40 2.93 -0.37
C GLY A 26 11.86 2.85 0.08
N VAL A 27 12.21 1.69 0.61
CA VAL A 27 13.57 1.47 1.08
C VAL A 27 14.25 0.42 0.20
N MET A 28 13.47 -0.59 -0.17
CA MET A 28 13.98 -1.66 -1.01
C MET A 28 14.73 -2.70 -0.18
N GLU A 29 14.16 -3.01 0.98
CA GLU A 29 14.76 -3.98 1.88
C GLU A 29 15.58 -3.27 2.95
N ALA A 30 15.73 -1.96 2.79
CA ALA A 30 16.48 -1.17 3.73
C ALA A 30 15.63 -0.96 5.00
N MET A 31 14.33 -1.18 4.85
CA MET A 31 13.42 -1.02 5.96
C MET A 31 12.11 -1.76 5.71
N LYS A 32 12.17 -2.72 4.79
CA LYS A 32 11.00 -3.50 4.43
C LYS A 32 11.25 -4.96 4.81
N VAL A 33 12.52 -5.28 5.02
CA VAL A 33 12.90 -6.63 5.39
C VAL A 33 12.90 -6.77 6.91
N THR A 34 11.78 -6.38 7.51
CA THR A 34 11.64 -6.45 8.96
C THR A 34 11.88 -7.88 9.44
N SER A 35 11.14 -8.81 8.86
CA SER A 35 11.27 -10.20 9.23
C SER A 35 10.34 -11.06 8.36
N GLU A 36 10.14 -10.62 7.13
CA GLU A 36 9.29 -11.33 6.20
C GLU A 36 7.85 -11.34 6.71
N GLU A 37 7.63 -12.17 7.72
CA GLU A 37 6.30 -12.29 8.31
C GLU A 37 5.82 -10.94 8.82
N LYS A 38 6.77 -10.16 9.34
CA LYS A 38 6.46 -8.85 9.87
C LYS A 38 6.70 -7.80 8.77
N GLU A 39 7.56 -8.15 7.83
CA GLU A 39 7.88 -7.27 6.74
C GLU A 39 6.62 -6.95 5.92
N GLN A 40 5.67 -7.86 5.99
CA GLN A 40 4.42 -7.70 5.27
C GLN A 40 3.25 -7.53 6.25
N LEU A 41 3.38 -8.22 7.38
CA LEU A 41 2.35 -8.16 8.40
C LEU A 41 2.38 -6.78 9.07
N SER A 42 3.42 -6.56 9.86
CA SER A 42 3.58 -5.29 10.55
C SER A 42 3.67 -4.14 9.54
N THR A 43 3.96 -4.52 8.31
CA THR A 43 4.08 -3.54 7.24
C THR A 43 2.73 -3.33 6.56
N ALA A 44 1.81 -4.24 6.83
CA ALA A 44 0.48 -4.18 6.25
C ALA A 44 -0.56 -4.17 7.37
N ILE A 45 -0.06 -4.16 8.59
CA ILE A 45 -0.93 -4.16 9.76
C ILE A 45 -0.62 -2.93 10.61
N ASP A 46 0.66 -2.68 10.79
CA ASP A 46 1.11 -1.55 11.59
C ASP A 46 -0.02 -0.52 11.68
N ARG A 47 -0.29 0.13 10.56
CA ARG A 47 -1.34 1.13 10.50
C ARG A 47 -2.18 0.95 9.24
N MET A 48 -1.73 0.03 8.39
CA MET A 48 -2.42 -0.25 7.15
C MET A 48 -3.67 -1.10 7.40
N ASN A 49 -3.70 -1.74 8.56
CA ASN A 49 -4.84 -2.57 8.93
C ASN A 49 -6.13 -1.78 8.73
N GLU A 50 -6.54 -1.09 9.79
CA GLU A 50 -7.75 -0.30 9.74
C GLU A 50 -7.45 1.11 9.22
N GLY A 51 -6.16 1.45 9.23
CA GLY A 51 -5.73 2.76 8.77
C GLY A 51 -5.84 2.86 7.25
N LEU A 52 -5.47 1.78 6.58
CA LEU A 52 -5.53 1.73 5.13
C LEU A 52 -6.96 1.44 4.69
N ASP A 53 -7.50 0.34 5.19
CA ASP A 53 -8.86 -0.06 4.86
C ASP A 53 -9.79 1.14 5.02
N ALA A 54 -9.51 1.95 6.04
CA ALA A 54 -10.32 3.13 6.30
C ALA A 54 -9.93 4.23 5.31
N PHE A 55 -8.77 4.82 5.54
CA PHE A 55 -8.28 5.88 4.67
C PHE A 55 -8.46 5.51 3.20
N ILE A 56 -7.89 4.37 2.84
CA ILE A 56 -7.98 3.89 1.48
C ILE A 56 -9.45 3.87 1.03
N GLN A 57 -10.29 3.38 1.92
CA GLN A 57 -11.71 3.30 1.65
C GLN A 57 -12.29 4.70 1.46
N LEU A 58 -11.50 5.69 1.81
CA LEU A 58 -11.92 7.08 1.69
C LEU A 58 -11.01 7.81 0.71
N TYR A 59 -9.89 7.16 0.40
CA TYR A 59 -8.92 7.73 -0.52
C TYR A 59 -9.09 7.15 -1.93
N ASN A 60 -8.69 5.90 -2.08
CA ASN A 60 -8.79 5.22 -3.36
C ASN A 60 -7.89 3.98 -3.35
N GLU A 61 -6.83 4.06 -2.55
CA GLU A 61 -5.89 2.95 -2.44
C GLU A 61 -4.70 3.17 -3.38
N SER A 62 -4.81 4.21 -4.19
CA SER A 62 -3.75 4.55 -5.12
C SER A 62 -3.30 6.00 -4.92
N GLU A 63 -4.14 6.74 -4.21
CA GLU A 63 -3.85 8.14 -3.93
C GLU A 63 -4.52 9.04 -4.97
N ILE A 64 -5.82 9.21 -4.79
CA ILE A 64 -6.60 10.04 -5.70
C ILE A 64 -7.54 10.94 -4.89
N ASP A 65 -7.26 11.02 -3.60
CA ASP A 65 -8.07 11.83 -2.71
C ASP A 65 -7.34 13.14 -2.41
N GLU A 66 -6.03 13.03 -2.29
CA GLU A 66 -5.19 14.18 -2.00
C GLU A 66 -4.71 14.84 -3.30
N PRO A 67 -4.02 14.02 -4.13
CA PRO A 67 -3.50 14.50 -5.41
C PRO A 67 -4.62 14.63 -6.44
N LEU A 68 -5.05 13.49 -6.95
CA LEU A 68 -6.11 13.48 -7.95
C LEU A 68 -5.50 13.43 -9.34
N ILE A 69 -4.18 13.55 -9.38
CA ILE A 69 -3.46 13.52 -10.64
C ILE A 69 -2.04 14.04 -10.43
N GLN A 70 -1.44 13.59 -9.33
CA GLN A 70 -0.08 13.99 -9.00
C GLN A 70 0.42 13.19 -7.80
N LEU A 71 0.36 11.87 -7.92
CA LEU A 71 0.81 10.99 -6.86
C LEU A 71 0.10 9.64 -7.00
N ASP A 72 -0.92 9.62 -7.85
CA ASP A 72 -1.69 8.40 -8.08
C ASP A 72 -0.76 7.33 -8.65
N ASP A 73 -0.05 7.71 -9.71
CA ASP A 73 0.86 6.80 -10.36
C ASP A 73 2.22 6.86 -9.68
N ASP A 74 2.45 7.96 -8.97
CA ASP A 74 3.70 8.17 -8.26
C ASP A 74 3.71 7.31 -7.00
N THR A 75 2.52 6.87 -6.61
CA THR A 75 2.38 6.05 -5.43
C THR A 75 1.86 4.65 -5.81
N ALA A 76 0.89 4.64 -6.72
CA ALA A 76 0.31 3.40 -7.17
C ALA A 76 1.36 2.58 -7.92
N GLU A 77 2.18 3.29 -8.69
CA GLU A 77 3.23 2.64 -9.45
C GLU A 77 4.30 2.08 -8.52
N LEU A 78 4.32 2.61 -7.30
CA LEU A 78 5.28 2.18 -6.31
C LEU A 78 4.82 0.85 -5.70
N MET A 79 3.60 0.87 -5.18
CA MET A 79 3.03 -0.32 -4.57
C MET A 79 2.61 -1.33 -5.64
N LYS A 80 2.41 -0.82 -6.84
CA LYS A 80 2.01 -1.67 -7.95
C LYS A 80 3.25 -2.28 -8.61
N GLN A 81 4.08 -1.41 -9.15
CA GLN A 81 5.30 -1.85 -9.81
C GLN A 81 6.14 -2.71 -8.85
N ALA A 82 5.96 -2.44 -7.56
CA ALA A 82 6.69 -3.18 -6.54
C ALA A 82 5.96 -4.48 -6.24
N ARG A 83 4.68 -4.35 -5.88
CA ARG A 83 3.87 -5.51 -5.56
C ARG A 83 3.55 -6.29 -6.82
N ASP A 84 4.10 -5.81 -7.93
CA ASP A 84 3.88 -6.46 -9.23
C ASP A 84 5.21 -7.01 -9.75
N MET A 85 6.26 -6.24 -9.50
CA MET A 85 7.59 -6.64 -9.95
C MET A 85 8.09 -7.85 -9.16
N TYR A 86 8.17 -7.67 -7.85
CA TYR A 86 8.63 -8.74 -6.98
C TYR A 86 7.59 -9.05 -5.90
N GLY A 87 6.76 -8.06 -5.62
CA GLY A 87 5.72 -8.22 -4.62
C GLY A 87 6.00 -7.36 -3.39
N GLN A 88 6.49 -6.16 -3.65
CA GLN A 88 6.80 -5.23 -2.57
C GLN A 88 8.20 -5.53 -2.01
N GLU A 89 8.90 -6.43 -2.68
CA GLU A 89 10.23 -6.81 -2.27
C GLU A 89 10.69 -8.05 -3.04
N LYS A 90 9.84 -9.06 -3.04
CA LYS A 90 10.14 -10.30 -3.73
C LYS A 90 9.46 -11.47 -3.00
N LEU A 91 8.35 -11.15 -2.36
CA LEU A 91 7.60 -12.16 -1.62
C LEU A 91 6.12 -12.07 -2.02
N ASN A 92 5.89 -11.59 -3.22
CA ASN A 92 4.54 -11.46 -3.73
C ASN A 92 3.71 -12.67 -3.30
N GLU A 93 4.40 -13.79 -3.15
CA GLU A 93 3.75 -15.03 -2.74
C GLU A 93 2.94 -14.80 -1.47
N LYS A 94 3.50 -13.99 -0.58
CA LYS A 94 2.86 -13.68 0.68
C LYS A 94 2.53 -12.19 0.73
N LEU A 95 3.35 -11.41 0.04
CA LEU A 95 3.16 -9.97 0.00
C LEU A 95 1.91 -9.65 -0.83
N ASN A 96 1.85 -10.25 -2.00
CA ASN A 96 0.72 -10.03 -2.89
C ASN A 96 -0.58 -10.31 -2.14
N THR A 97 -0.49 -11.20 -1.16
CA THR A 97 -1.64 -11.54 -0.36
C THR A 97 -1.81 -10.56 0.80
N ILE A 98 -0.68 -10.03 1.25
CA ILE A 98 -0.68 -9.08 2.34
C ILE A 98 -1.28 -7.75 1.87
N ILE A 99 -0.95 -7.41 0.63
CA ILE A 99 -1.45 -6.18 0.04
C ILE A 99 -2.85 -6.40 -0.52
N LYS A 100 -3.04 -7.59 -1.09
CA LYS A 100 -4.32 -7.94 -1.67
C LYS A 100 -5.33 -8.18 -0.55
N GLN A 101 -4.80 -8.50 0.63
CA GLN A 101 -5.64 -8.76 1.78
C GLN A 101 -5.98 -7.44 2.49
N ILE A 102 -4.97 -6.59 2.62
CA ILE A 102 -5.15 -5.31 3.27
C ILE A 102 -6.03 -4.42 2.39
N LEU A 103 -6.10 -4.78 1.12
CA LEU A 103 -6.91 -4.02 0.17
C LEU A 103 -8.23 -4.75 -0.06
N SER A 104 -8.20 -6.06 0.13
CA SER A 104 -9.38 -6.87 -0.05
C SER A 104 -10.22 -6.87 1.23
N ILE A 105 -9.59 -6.41 2.31
CA ILE A 105 -10.26 -6.36 3.59
C ILE A 105 -11.46 -5.41 3.50
N SER A 106 -11.50 -4.67 2.40
CA SER A 106 -12.59 -3.73 2.17
C SER A 106 -12.08 -2.55 1.35
N VAL A 107 -11.22 -2.85 0.39
CA VAL A 107 -10.67 -1.82 -0.47
C VAL A 107 -10.44 -2.40 -1.86
N SER A 108 -10.94 -3.62 -2.06
CA SER A 108 -10.80 -4.29 -3.34
C SER A 108 -12.19 -4.50 -3.97
N GLU A 109 -13.10 -5.01 -3.16
CA GLU A 109 -14.45 -5.28 -3.62
C GLU A 109 -14.77 -4.39 -4.82
N GLU A 110 -14.55 -3.09 -4.63
CA GLU A 110 -14.83 -2.13 -5.68
C GLU A 110 -15.97 -2.62 -6.58
N GLY A 111 -16.93 -3.28 -5.95
CA GLY A 111 -18.07 -3.81 -6.67
C GLY A 111 -17.65 -4.91 -7.64
N GLU A 112 -16.69 -4.57 -8.49
CA GLU A 112 -16.19 -5.51 -9.48
C GLU A 112 -14.93 -6.22 -8.94
N LYS A 113 -14.33 -5.59 -7.94
CA LYS A 113 -13.13 -6.13 -7.33
C LYS A 113 -11.90 -5.50 -7.99
N GLU A 114 -11.72 -5.79 -9.26
CA GLU A 114 -10.59 -5.26 -10.01
C GLU A 114 -10.54 -5.87 -11.41
N LEU A 115 -10.52 -7.19 -11.45
CA LEU A 115 -10.47 -7.90 -12.71
C LEU A 115 -11.15 -9.26 -12.55
N VAL A 116 -12.08 -9.54 -13.44
CA VAL A 116 -12.81 -10.80 -13.41
C VAL A 116 -14.07 -10.67 -14.28
N PRO A 117 -14.86 -9.60 -14.00
CA PRO A 117 -16.08 -9.36 -14.75
C PRO A 117 -15.78 -8.82 -16.14
N ARG A 118 -16.51 -9.34 -17.12
CA ARG A 118 -16.33 -8.92 -18.50
C ARG A 118 -17.15 -7.66 -18.78
N CYS A 7 2.47 13.30 3.45
CA CYS A 7 3.37 13.20 4.58
C CYS A 7 4.11 14.53 4.72
N THR A 8 4.14 15.27 3.63
CA THR A 8 4.81 16.56 3.62
C THR A 8 4.27 17.46 4.74
N PHE A 9 3.00 17.82 4.61
CA PHE A 9 2.36 18.67 5.59
C PHE A 9 1.14 17.97 6.20
N PHE A 10 0.09 17.88 5.40
CA PHE A 10 -1.14 17.24 5.83
C PHE A 10 -1.47 16.02 4.97
N GLU A 11 -1.72 16.30 3.70
CA GLU A 11 -2.05 15.23 2.75
C GLU A 11 -3.16 14.34 3.33
N LYS A 12 -3.42 13.25 2.61
CA LYS A 12 -4.45 12.31 3.05
C LYS A 12 -3.79 10.97 3.35
N HIS A 13 -3.44 10.26 2.29
CA HIS A 13 -2.81 8.96 2.44
C HIS A 13 -1.79 9.00 3.59
N HIS A 14 -1.25 10.19 3.80
CA HIS A 14 -0.26 10.38 4.86
C HIS A 14 -0.79 9.76 6.16
N ARG A 15 -2.10 9.62 6.22
CA ARG A 15 -2.73 9.04 7.39
C ARG A 15 -1.90 7.86 7.92
N LYS A 16 -1.18 7.23 7.01
CA LYS A 16 -0.35 6.10 7.37
C LYS A 16 -0.06 5.26 6.12
N TRP A 17 -0.92 5.44 5.11
CA TRP A 17 -0.78 4.72 3.87
C TRP A 17 0.48 5.24 3.16
N ASP A 18 0.58 6.56 3.10
CA ASP A 18 1.72 7.20 2.46
C ASP A 18 2.97 6.97 3.31
N ILE A 19 2.75 6.86 4.62
CA ILE A 19 3.84 6.65 5.54
C ILE A 19 4.34 5.21 5.41
N LEU A 20 3.40 4.30 5.26
CA LEU A 20 3.73 2.89 5.12
C LEU A 20 4.28 2.64 3.71
N LEU A 21 3.75 3.39 2.76
CA LEU A 21 4.17 3.26 1.38
C LEU A 21 5.48 4.02 1.18
N GLU A 22 5.76 4.91 2.11
CA GLU A 22 6.98 5.71 2.05
C GLU A 22 8.07 5.09 2.92
N LYS A 23 7.65 4.15 3.76
CA LYS A 23 8.57 3.47 4.65
C LYS A 23 8.84 2.06 4.12
N SER A 24 7.80 1.23 4.18
CA SER A 24 7.91 -0.13 3.71
C SER A 24 8.47 -0.16 2.29
N THR A 25 7.57 -0.10 1.33
CA THR A 25 7.97 -0.12 -0.07
C THR A 25 8.67 1.19 -0.44
N GLY A 26 8.81 2.05 0.56
CA GLY A 26 9.47 3.34 0.35
C GLY A 26 10.99 3.18 0.32
N VAL A 27 11.44 2.03 0.79
CA VAL A 27 12.85 1.73 0.83
C VAL A 27 13.11 0.38 0.15
N MET A 28 12.36 -0.61 0.59
CA MET A 28 12.48 -1.95 0.04
C MET A 28 13.64 -2.69 0.70
N GLU A 29 14.00 -2.25 1.90
CA GLU A 29 15.08 -2.87 2.64
C GLU A 29 15.31 -2.13 3.95
N ALA A 30 15.23 -0.81 3.87
CA ALA A 30 15.43 0.02 5.05
C ALA A 30 14.48 -0.44 6.16
N MET A 31 13.43 -1.14 5.75
CA MET A 31 12.45 -1.64 6.70
C MET A 31 11.61 -2.75 6.07
N LYS A 32 12.05 -3.21 4.91
CA LYS A 32 11.36 -4.26 4.20
C LYS A 32 11.96 -5.62 4.59
N VAL A 33 13.10 -5.54 5.25
CA VAL A 33 13.79 -6.74 5.69
C VAL A 33 13.53 -6.98 7.17
N THR A 34 12.33 -6.60 7.59
CA THR A 34 11.95 -6.76 8.99
C THR A 34 11.51 -8.20 9.26
N SER A 35 12.39 -9.12 8.92
CA SER A 35 12.10 -10.54 9.12
C SER A 35 11.20 -11.05 8.00
N GLU A 36 10.76 -10.13 7.15
CA GLU A 36 9.91 -10.48 6.04
C GLU A 36 8.48 -10.77 6.53
N GLU A 37 8.41 -11.69 7.48
CA GLU A 37 7.12 -12.07 8.06
C GLU A 37 6.43 -10.85 8.65
N LYS A 38 7.22 -10.01 9.32
CA LYS A 38 6.69 -8.81 9.93
C LYS A 38 6.80 -7.65 8.95
N GLU A 39 7.69 -7.81 7.98
CA GLU A 39 7.90 -6.79 6.97
C GLU A 39 6.67 -6.64 6.09
N GLN A 40 5.82 -7.66 6.15
CA GLN A 40 4.59 -7.66 5.37
C GLN A 40 3.37 -7.78 6.29
N LEU A 41 3.57 -8.48 7.39
CA LEU A 41 2.50 -8.67 8.35
C LEU A 41 2.28 -7.37 9.13
N SER A 42 3.29 -7.03 9.93
CA SER A 42 3.21 -5.81 10.73
C SER A 42 3.21 -4.59 9.81
N THR A 43 3.56 -4.81 8.55
CA THR A 43 3.59 -3.74 7.58
C THR A 43 2.28 -3.69 6.80
N ALA A 44 1.51 -4.75 6.91
CA ALA A 44 0.23 -4.85 6.23
C ALA A 44 -0.88 -5.05 7.26
N ILE A 45 -0.50 -4.98 8.52
CA ILE A 45 -1.44 -5.17 9.61
C ILE A 45 -1.28 -4.03 10.62
N ASP A 46 -0.03 -3.73 10.93
CA ASP A 46 0.27 -2.67 11.88
C ASP A 46 0.12 -1.31 11.18
N ARG A 47 -0.29 -1.37 9.93
CA ARG A 47 -0.49 -0.16 9.16
C ARG A 47 -1.84 -0.20 8.44
N MET A 48 -2.16 -1.37 7.90
CA MET A 48 -3.41 -1.55 7.20
C MET A 48 -4.61 -1.37 8.14
N ASN A 49 -4.37 -1.67 9.41
CA ASN A 49 -5.41 -1.55 10.41
C ASN A 49 -6.17 -0.24 10.20
N GLU A 50 -5.66 0.81 10.82
CA GLU A 50 -6.27 2.13 10.70
C GLU A 50 -5.63 2.92 9.56
N GLY A 51 -4.48 2.43 9.13
CA GLY A 51 -3.76 3.08 8.04
C GLY A 51 -4.47 2.87 6.70
N LEU A 52 -4.99 1.66 6.54
CA LEU A 52 -5.70 1.32 5.31
C LEU A 52 -7.17 1.73 5.44
N ASP A 53 -7.78 1.33 6.54
CA ASP A 53 -9.17 1.64 6.79
C ASP A 53 -9.37 3.16 6.67
N ALA A 54 -8.52 3.89 7.37
CA ALA A 54 -8.59 5.35 7.34
C ALA A 54 -8.14 5.85 5.97
N PHE A 55 -7.12 5.19 5.44
CA PHE A 55 -6.60 5.56 4.13
C PHE A 55 -7.73 5.82 3.14
N ILE A 56 -8.68 4.90 3.10
CA ILE A 56 -9.82 5.03 2.21
C ILE A 56 -10.72 6.17 2.69
N GLN A 57 -10.96 6.18 3.99
CA GLN A 57 -11.81 7.21 4.59
C GLN A 57 -11.06 8.55 4.62
N LEU A 58 -9.82 8.51 4.16
CA LEU A 58 -8.99 9.70 4.13
C LEU A 58 -8.52 9.96 2.71
N TYR A 59 -8.67 8.94 1.87
CA TYR A 59 -8.26 9.05 0.48
C TYR A 59 -9.43 8.71 -0.46
N ASN A 60 -9.75 7.42 -0.50
CA ASN A 60 -10.83 6.95 -1.35
C ASN A 60 -10.51 5.55 -1.85
N GLU A 61 -9.31 5.41 -2.41
CA GLU A 61 -8.88 4.13 -2.93
C GLU A 61 -7.66 4.32 -3.83
N SER A 62 -6.77 5.20 -3.41
CA SER A 62 -5.57 5.48 -4.17
C SER A 62 -5.94 5.82 -5.63
N GLU A 63 -6.55 6.98 -5.79
CA GLU A 63 -6.95 7.43 -7.12
C GLU A 63 -7.38 8.90 -7.07
N ILE A 64 -6.54 9.70 -6.43
CA ILE A 64 -6.83 11.12 -6.32
C ILE A 64 -6.19 11.66 -5.03
N ASP A 65 -5.14 10.97 -4.60
CA ASP A 65 -4.43 11.36 -3.40
C ASP A 65 -4.50 12.89 -3.24
N GLU A 66 -4.42 13.57 -4.37
CA GLU A 66 -4.48 15.02 -4.38
C GLU A 66 -4.41 15.55 -5.81
N PRO A 67 -3.33 15.15 -6.53
CA PRO A 67 -3.15 15.57 -7.90
C PRO A 67 -4.09 14.83 -8.85
N LEU A 68 -3.62 13.70 -9.34
CA LEU A 68 -4.41 12.88 -10.24
C LEU A 68 -3.53 11.79 -10.85
N ILE A 69 -2.32 12.18 -11.21
CA ILE A 69 -1.37 11.25 -11.81
C ILE A 69 0.02 11.51 -11.24
N GLN A 70 0.05 12.29 -10.15
CA GLN A 70 1.31 12.63 -9.51
C GLN A 70 1.40 11.94 -8.15
N LEU A 71 0.29 11.35 -7.74
CA LEU A 71 0.24 10.65 -6.47
C LEU A 71 -0.57 9.36 -6.62
N ASP A 72 -1.63 9.46 -7.41
CA ASP A 72 -2.49 8.32 -7.66
C ASP A 72 -1.69 7.21 -8.34
N ASP A 73 -1.10 7.55 -9.48
CA ASP A 73 -0.30 6.61 -10.22
C ASP A 73 1.11 6.57 -9.64
N ASP A 74 1.41 7.56 -8.81
CA ASP A 74 2.71 7.65 -8.18
C ASP A 74 2.81 6.63 -7.05
N THR A 75 1.66 6.32 -6.47
CA THR A 75 1.60 5.37 -5.39
C THR A 75 1.16 4.00 -5.90
N ALA A 76 0.25 4.03 -6.87
CA ALA A 76 -0.26 2.80 -7.45
C ALA A 76 0.87 2.10 -8.21
N GLU A 77 1.73 2.90 -8.80
CA GLU A 77 2.85 2.37 -9.56
C GLU A 77 3.92 1.81 -8.61
N LEU A 78 3.87 2.29 -7.37
CA LEU A 78 4.82 1.86 -6.37
C LEU A 78 4.45 0.45 -5.90
N MET A 79 3.18 0.30 -5.53
CA MET A 79 2.70 -0.99 -5.06
C MET A 79 2.58 -1.98 -6.22
N LYS A 80 2.39 -1.44 -7.41
CA LYS A 80 2.27 -2.26 -8.60
C LYS A 80 3.66 -2.63 -9.10
N GLN A 81 4.43 -1.60 -9.43
CA GLN A 81 5.78 -1.80 -9.94
C GLN A 81 6.55 -2.76 -9.01
N ALA A 82 6.36 -2.55 -7.72
CA ALA A 82 7.04 -3.39 -6.74
C ALA A 82 6.39 -4.77 -6.72
N ARG A 83 5.06 -4.77 -6.64
CA ARG A 83 4.31 -6.02 -6.62
C ARG A 83 4.54 -6.80 -7.91
N ASP A 84 5.22 -6.15 -8.85
CA ASP A 84 5.51 -6.77 -10.12
C ASP A 84 7.02 -7.00 -10.24
N MET A 85 7.77 -6.17 -9.53
CA MET A 85 9.22 -6.27 -9.56
C MET A 85 9.69 -7.52 -8.80
N TYR A 86 8.87 -7.93 -7.84
CA TYR A 86 9.19 -9.10 -7.04
C TYR A 86 8.17 -9.29 -5.92
N GLY A 87 7.53 -8.20 -5.56
CA GLY A 87 6.53 -8.23 -4.50
C GLY A 87 6.87 -7.26 -3.38
N GLN A 88 6.67 -5.98 -3.67
CA GLN A 88 6.96 -4.94 -2.69
C GLN A 88 8.41 -5.06 -2.21
N GLU A 89 9.19 -5.85 -2.94
CA GLU A 89 10.58 -6.05 -2.60
C GLU A 89 11.07 -7.39 -3.14
N LYS A 90 10.31 -8.44 -2.80
CA LYS A 90 10.65 -9.78 -3.23
C LYS A 90 10.08 -10.80 -2.25
N LEU A 91 8.85 -10.52 -1.82
CA LEU A 91 8.17 -11.39 -0.88
C LEU A 91 6.80 -11.77 -1.44
N ASN A 92 6.60 -11.43 -2.71
CA ASN A 92 5.34 -11.73 -3.37
C ASN A 92 4.82 -13.08 -2.90
N GLU A 93 5.77 -13.96 -2.62
CA GLU A 93 5.43 -15.31 -2.16
C GLU A 93 4.37 -15.24 -1.06
N LYS A 94 4.53 -14.26 -0.18
CA LYS A 94 3.59 -14.08 0.91
C LYS A 94 3.02 -12.67 0.86
N LEU A 95 3.73 -11.81 0.13
CA LEU A 95 3.30 -10.42 0.00
C LEU A 95 2.21 -10.33 -1.08
N ASN A 96 2.26 -11.27 -2.01
CA ASN A 96 1.29 -11.30 -3.09
C ASN A 96 -0.10 -11.58 -2.50
N THR A 97 -0.12 -12.43 -1.49
CA THR A 97 -1.37 -12.78 -0.83
C THR A 97 -1.76 -11.71 0.18
N ILE A 98 -0.75 -11.19 0.86
CA ILE A 98 -0.97 -10.15 1.86
C ILE A 98 -1.43 -8.87 1.17
N ILE A 99 -0.81 -8.59 0.04
CA ILE A 99 -1.13 -7.41 -0.73
C ILE A 99 -2.51 -7.58 -1.37
N LYS A 100 -2.74 -8.78 -1.89
CA LYS A 100 -4.00 -9.08 -2.54
C LYS A 100 -5.12 -9.00 -1.51
N GLN A 101 -4.76 -9.29 -0.27
CA GLN A 101 -5.73 -9.26 0.82
C GLN A 101 -5.90 -7.83 1.34
N ILE A 102 -4.77 -7.16 1.50
CA ILE A 102 -4.78 -5.78 1.98
C ILE A 102 -5.36 -4.87 0.89
N LEU A 103 -5.48 -5.42 -0.30
CA LEU A 103 -6.02 -4.68 -1.42
C LEU A 103 -7.41 -5.22 -1.78
N SER A 104 -7.68 -6.42 -1.29
CA SER A 104 -8.95 -7.06 -1.55
C SER A 104 -9.87 -6.93 -0.33
N ILE A 105 -9.27 -6.45 0.76
CA ILE A 105 -10.02 -6.27 2.00
C ILE A 105 -11.13 -5.24 1.78
N SER A 106 -11.08 -4.61 0.62
CA SER A 106 -12.06 -3.60 0.27
C SER A 106 -11.53 -2.21 0.60
N VAL A 107 -10.22 -2.06 0.45
CA VAL A 107 -9.57 -0.79 0.74
C VAL A 107 -8.97 -0.23 -0.56
N SER A 108 -8.48 -1.14 -1.39
CA SER A 108 -7.87 -0.76 -2.65
C SER A 108 -8.71 -1.28 -3.82
N GLU A 109 -9.34 -2.43 -3.58
CA GLU A 109 -10.17 -3.04 -4.60
C GLU A 109 -11.54 -2.36 -4.66
N GLU A 110 -11.72 -1.41 -3.75
CA GLU A 110 -12.97 -0.67 -3.68
C GLU A 110 -13.21 0.10 -4.98
N GLY A 111 -12.15 0.19 -5.77
CA GLY A 111 -12.23 0.90 -7.04
C GLY A 111 -12.79 0.00 -8.14
N GLU A 112 -13.91 -0.64 -7.82
CA GLU A 112 -14.56 -1.53 -8.77
C GLU A 112 -13.89 -2.90 -8.76
N LYS A 113 -13.62 -3.39 -7.56
CA LYS A 113 -12.98 -4.67 -7.40
C LYS A 113 -11.83 -4.80 -8.41
N GLU A 114 -10.84 -3.95 -8.24
CA GLU A 114 -9.69 -3.96 -9.12
C GLU A 114 -10.09 -3.47 -10.52
N LEU A 115 -10.79 -4.35 -11.23
CA LEU A 115 -11.24 -4.03 -12.58
C LEU A 115 -12.54 -4.79 -12.86
N VAL A 116 -12.50 -6.08 -12.60
CA VAL A 116 -13.67 -6.92 -12.83
C VAL A 116 -14.46 -6.38 -14.01
N PRO A 117 -13.97 -6.73 -15.24
CA PRO A 117 -14.63 -6.28 -16.46
C PRO A 117 -15.92 -7.06 -16.71
N ARG A 118 -16.68 -6.59 -17.68
CA ARG A 118 -17.93 -7.23 -18.03
C ARG A 118 -17.79 -8.75 -17.96
N CYS A 7 5.95 14.85 1.69
CA CYS A 7 5.16 14.51 2.85
C CYS A 7 5.34 15.60 3.91
N THR A 8 6.55 16.15 3.93
CA THR A 8 6.86 17.21 4.88
C THR A 8 6.13 18.50 4.51
N PHE A 9 6.32 18.92 3.27
CA PHE A 9 5.68 20.13 2.77
C PHE A 9 4.18 20.13 3.09
N PHE A 10 3.49 19.19 2.47
CA PHE A 10 2.05 19.07 2.67
C PHE A 10 1.67 19.39 4.12
N GLU A 11 2.21 18.59 5.02
CA GLU A 11 1.93 18.77 6.44
C GLU A 11 2.63 17.67 7.27
N LYS A 12 2.08 16.47 7.17
CA LYS A 12 2.63 15.35 7.89
C LYS A 12 3.04 14.26 6.90
N HIS A 13 2.12 13.33 6.66
CA HIS A 13 2.36 12.24 5.74
C HIS A 13 1.14 11.32 5.68
N HIS A 14 -0.03 11.95 5.79
CA HIS A 14 -1.27 11.20 5.75
C HIS A 14 -1.18 10.00 6.70
N ARG A 15 -0.73 10.27 7.91
CA ARG A 15 -0.59 9.23 8.92
C ARG A 15 0.54 8.28 8.54
N LYS A 16 1.42 8.76 7.67
CA LYS A 16 2.55 7.97 7.22
C LYS A 16 2.03 6.83 6.33
N TRP A 17 1.07 7.17 5.48
CA TRP A 17 0.49 6.19 4.57
C TRP A 17 1.34 6.15 3.31
N ASP A 18 1.54 7.32 2.73
CA ASP A 18 2.32 7.44 1.51
C ASP A 18 3.80 7.18 1.84
N ILE A 19 4.15 7.44 3.09
CA ILE A 19 5.51 7.23 3.55
C ILE A 19 5.72 5.75 3.87
N LEU A 20 4.72 5.18 4.52
CA LEU A 20 4.79 3.77 4.89
C LEU A 20 4.88 2.92 3.63
N LEU A 21 4.26 3.43 2.56
CA LEU A 21 4.26 2.72 1.29
C LEU A 21 5.39 3.27 0.40
N GLU A 22 5.82 4.48 0.74
CA GLU A 22 6.88 5.13 -0.01
C GLU A 22 8.05 5.46 0.91
N LYS A 23 8.28 4.58 1.88
CA LYS A 23 9.36 4.79 2.82
C LYS A 23 9.67 3.46 3.52
N SER A 24 8.62 2.68 3.75
CA SER A 24 8.78 1.40 4.40
C SER A 24 8.86 0.29 3.35
N THR A 25 8.13 0.49 2.27
CA THR A 25 8.11 -0.48 1.18
C THR A 25 8.54 0.17 -0.13
N GLY A 26 9.77 0.64 -0.13
CA GLY A 26 10.32 1.29 -1.32
C GLY A 26 11.54 2.13 -0.97
N VAL A 27 12.27 1.67 0.04
CA VAL A 27 13.47 2.37 0.48
C VAL A 27 14.66 1.42 0.43
N MET A 28 14.82 0.67 1.51
CA MET A 28 15.92 -0.29 1.60
C MET A 28 15.41 -1.67 1.98
N GLU A 29 14.15 -1.71 2.40
CA GLU A 29 13.53 -2.96 2.80
C GLU A 29 13.62 -3.15 4.32
N ALA A 30 14.20 -2.14 4.96
CA ALA A 30 14.35 -2.18 6.41
C ALA A 30 12.99 -2.27 7.07
N MET A 31 11.97 -1.92 6.30
CA MET A 31 10.60 -1.96 6.80
C MET A 31 9.72 -2.86 5.92
N LYS A 32 10.28 -3.24 4.77
CA LYS A 32 9.56 -4.09 3.83
C LYS A 32 10.03 -5.53 4.01
N VAL A 33 11.15 -5.68 4.69
CA VAL A 33 11.71 -7.00 4.93
C VAL A 33 11.79 -7.24 6.45
N THR A 34 10.90 -6.59 7.16
CA THR A 34 10.86 -6.72 8.61
C THR A 34 10.64 -8.18 9.01
N SER A 35 11.75 -8.91 9.08
CA SER A 35 11.69 -10.32 9.43
C SER A 35 10.64 -11.04 8.60
N GLU A 36 10.30 -10.42 7.48
CA GLU A 36 9.30 -10.99 6.58
C GLU A 36 7.93 -11.02 7.26
N GLU A 37 7.84 -11.86 8.29
CA GLU A 37 6.60 -12.00 9.04
C GLU A 37 6.03 -10.62 9.37
N LYS A 38 6.92 -9.73 9.79
CA LYS A 38 6.52 -8.38 10.15
C LYS A 38 6.67 -7.47 8.93
N GLU A 39 7.47 -7.93 7.98
CA GLU A 39 7.70 -7.17 6.77
C GLU A 39 6.39 -6.93 6.02
N GLN A 40 5.44 -7.83 6.27
CA GLN A 40 4.14 -7.74 5.63
C GLN A 40 3.03 -7.59 6.69
N LEU A 41 3.26 -8.23 7.83
CA LEU A 41 2.31 -8.17 8.91
C LEU A 41 2.29 -6.77 9.52
N SER A 42 3.45 -6.38 10.05
CA SER A 42 3.58 -5.07 10.65
C SER A 42 3.58 -3.99 9.56
N THR A 43 3.81 -4.43 8.34
CA THR A 43 3.83 -3.52 7.21
C THR A 43 2.45 -3.41 6.57
N ALA A 44 1.58 -4.34 6.96
CA ALA A 44 0.23 -4.36 6.43
C ALA A 44 -0.76 -4.21 7.59
N ILE A 45 -0.21 -4.03 8.79
CA ILE A 45 -1.03 -3.86 9.97
C ILE A 45 -0.69 -2.53 10.64
N ASP A 46 0.60 -2.23 10.66
CA ASP A 46 1.07 -0.99 11.26
C ASP A 46 -0.08 0.02 11.30
N ARG A 47 -0.41 0.54 10.13
CA ARG A 47 -1.48 1.51 10.01
C ARG A 47 -2.47 1.08 8.92
N MET A 48 -2.10 0.02 8.22
CA MET A 48 -2.96 -0.50 7.16
C MET A 48 -4.24 -1.10 7.73
N ASN A 49 -4.20 -1.38 9.03
CA ASN A 49 -5.34 -1.96 9.71
C ASN A 49 -6.55 -1.04 9.54
N GLU A 50 -6.70 -0.15 10.51
CA GLU A 50 -7.80 0.80 10.49
C GLU A 50 -7.48 1.98 9.56
N GLY A 51 -6.19 2.11 9.26
CA GLY A 51 -5.73 3.18 8.39
C GLY A 51 -6.10 2.89 6.93
N LEU A 52 -5.87 1.65 6.53
CA LEU A 52 -6.16 1.23 5.17
C LEU A 52 -7.68 1.33 4.94
N ASP A 53 -8.43 0.91 5.94
CA ASP A 53 -9.88 0.94 5.84
C ASP A 53 -10.35 2.40 5.72
N ALA A 54 -9.72 3.26 6.49
CA ALA A 54 -10.05 4.67 6.47
C ALA A 54 -9.34 5.35 5.29
N PHE A 55 -8.04 5.48 5.43
CA PHE A 55 -7.23 6.10 4.39
C PHE A 55 -7.79 5.78 3.00
N ILE A 56 -8.15 4.51 2.83
CA ILE A 56 -8.70 4.06 1.55
C ILE A 56 -10.04 4.77 1.31
N GLN A 57 -10.89 4.73 2.32
CA GLN A 57 -12.19 5.36 2.22
C GLN A 57 -12.05 6.88 2.17
N LEU A 58 -10.82 7.33 2.37
CA LEU A 58 -10.54 8.76 2.35
C LEU A 58 -9.82 9.12 1.05
N TYR A 59 -9.02 8.18 0.57
CA TYR A 59 -8.28 8.38 -0.65
C TYR A 59 -8.62 7.30 -1.68
N ASN A 60 -8.26 6.07 -1.35
CA ASN A 60 -8.53 4.95 -2.23
C ASN A 60 -7.39 3.93 -2.11
N GLU A 61 -6.30 4.38 -1.48
CA GLU A 61 -5.15 3.52 -1.29
C GLU A 61 -4.38 3.38 -2.61
N SER A 62 -4.56 4.36 -3.48
CA SER A 62 -3.88 4.35 -4.76
C SER A 62 -3.24 5.72 -5.02
N GLU A 63 -3.90 6.75 -4.51
CA GLU A 63 -3.41 8.11 -4.68
C GLU A 63 -2.93 8.67 -3.34
N ILE A 64 -3.80 8.55 -2.34
CA ILE A 64 -3.49 9.04 -1.01
C ILE A 64 -3.56 10.56 -1.01
N ASP A 65 -3.92 11.12 -2.16
CA ASP A 65 -4.03 12.55 -2.30
C ASP A 65 -5.49 12.98 -2.12
N GLU A 66 -6.34 12.47 -3.02
CA GLU A 66 -7.75 12.78 -2.96
C GLU A 66 -8.38 12.67 -4.36
N PRO A 67 -7.83 13.49 -5.29
CA PRO A 67 -8.32 13.48 -6.66
C PRO A 67 -7.83 12.25 -7.42
N LEU A 68 -6.53 12.03 -7.36
CA LEU A 68 -5.93 10.89 -8.03
C LEU A 68 -5.47 11.31 -9.43
N ILE A 69 -4.99 12.55 -9.51
CA ILE A 69 -4.53 13.08 -10.78
C ILE A 69 -3.01 13.32 -10.69
N GLN A 70 -2.51 13.27 -9.47
CA GLN A 70 -1.09 13.48 -9.24
C GLN A 70 -0.65 12.78 -7.95
N LEU A 71 -0.90 11.48 -7.92
CA LEU A 71 -0.53 10.68 -6.75
C LEU A 71 -1.09 9.26 -6.92
N ASP A 72 -2.09 9.15 -7.80
CA ASP A 72 -2.71 7.86 -8.05
C ASP A 72 -1.65 6.89 -8.59
N ASP A 73 -1.01 7.30 -9.68
CA ASP A 73 0.02 6.49 -10.31
C ASP A 73 1.35 6.72 -9.60
N ASP A 74 1.43 7.85 -8.91
CA ASP A 74 2.63 8.20 -8.18
C ASP A 74 2.80 7.25 -7.00
N THR A 75 1.69 6.72 -6.54
CA THR A 75 1.70 5.80 -5.42
C THR A 75 1.29 4.40 -5.88
N ALA A 76 0.20 4.34 -6.61
CA ALA A 76 -0.29 3.07 -7.12
C ALA A 76 0.82 2.37 -7.90
N GLU A 77 1.50 3.14 -8.74
CA GLU A 77 2.59 2.61 -9.54
C GLU A 77 3.74 2.18 -8.64
N LEU A 78 3.71 2.66 -7.41
CA LEU A 78 4.75 2.32 -6.45
C LEU A 78 4.51 0.92 -5.90
N MET A 79 3.31 0.73 -5.36
CA MET A 79 2.93 -0.56 -4.80
C MET A 79 2.59 -1.56 -5.90
N LYS A 80 2.23 -1.01 -7.07
CA LYS A 80 1.87 -1.85 -8.20
C LYS A 80 3.14 -2.30 -8.93
N GLN A 81 3.90 -1.31 -9.39
CA GLN A 81 5.14 -1.59 -10.10
C GLN A 81 6.05 -2.48 -9.24
N ALA A 82 6.07 -2.18 -7.94
CA ALA A 82 6.88 -2.94 -7.02
C ALA A 82 6.29 -4.35 -6.86
N ARG A 83 5.05 -4.39 -6.42
CA ARG A 83 4.37 -5.66 -6.23
C ARG A 83 4.12 -6.34 -7.57
N ASP A 84 4.54 -5.67 -8.63
CA ASP A 84 4.39 -6.19 -9.98
C ASP A 84 5.73 -6.73 -10.48
N MET A 85 6.77 -5.98 -10.17
CA MET A 85 8.12 -6.36 -10.59
C MET A 85 8.49 -7.73 -10.04
N TYR A 86 8.35 -7.87 -8.73
CA TYR A 86 8.66 -9.13 -8.07
C TYR A 86 7.80 -9.33 -6.82
N GLY A 87 7.03 -8.30 -6.51
CA GLY A 87 6.16 -8.34 -5.34
C GLY A 87 6.64 -7.37 -4.26
N GLN A 88 7.11 -6.22 -4.73
CA GLN A 88 7.59 -5.19 -3.82
C GLN A 88 9.10 -5.34 -3.60
N GLU A 89 9.54 -6.59 -3.59
CA GLU A 89 10.96 -6.89 -3.40
C GLU A 89 11.21 -8.39 -3.57
N LYS A 90 10.35 -9.01 -4.37
CA LYS A 90 10.47 -10.44 -4.62
C LYS A 90 9.91 -11.22 -3.43
N LEU A 91 8.84 -10.67 -2.86
CA LEU A 91 8.20 -11.30 -1.72
C LEU A 91 6.73 -11.56 -2.05
N ASN A 92 6.38 -11.28 -3.30
CA ASN A 92 5.01 -11.48 -3.74
C ASN A 92 4.47 -12.79 -3.18
N GLU A 93 5.39 -13.72 -2.95
CA GLU A 93 5.03 -15.02 -2.42
C GLU A 93 4.13 -14.86 -1.19
N LYS A 94 4.47 -13.86 -0.38
CA LYS A 94 3.70 -13.57 0.82
C LYS A 94 3.19 -12.13 0.78
N LEU A 95 3.86 -11.33 -0.04
CA LEU A 95 3.49 -9.94 -0.18
C LEU A 95 2.26 -9.83 -1.08
N ASN A 96 2.14 -10.79 -1.98
CA ASN A 96 1.02 -10.81 -2.90
C ASN A 96 -0.27 -11.12 -2.14
N THR A 97 -0.13 -12.01 -1.15
CA THR A 97 -1.27 -12.39 -0.34
C THR A 97 -1.56 -11.32 0.72
N ILE A 98 -0.49 -10.72 1.21
CA ILE A 98 -0.62 -9.68 2.22
C ILE A 98 -1.12 -8.39 1.55
N ILE A 99 -0.64 -8.16 0.34
CA ILE A 99 -1.03 -6.98 -0.41
C ILE A 99 -2.45 -7.15 -0.93
N LYS A 100 -2.68 -8.31 -1.54
CA LYS A 100 -3.99 -8.61 -2.08
C LYS A 100 -5.01 -8.73 -0.95
N GLN A 101 -4.50 -9.08 0.22
CA GLN A 101 -5.34 -9.23 1.40
C GLN A 101 -5.68 -7.86 1.98
N ILE A 102 -4.67 -7.01 2.04
CA ILE A 102 -4.85 -5.66 2.57
C ILE A 102 -5.62 -4.82 1.56
N LEU A 103 -5.77 -5.37 0.36
CA LEU A 103 -6.47 -4.68 -0.70
C LEU A 103 -7.79 -5.42 -1.00
N SER A 104 -7.87 -6.63 -0.46
CA SER A 104 -9.05 -7.45 -0.67
C SER A 104 -9.83 -7.59 0.65
N ILE A 105 -9.21 -7.10 1.71
CA ILE A 105 -9.83 -7.16 3.02
C ILE A 105 -11.15 -6.38 3.00
N SER A 106 -11.20 -5.38 2.15
CA SER A 106 -12.38 -4.55 2.01
C SER A 106 -11.99 -3.08 1.86
N VAL A 107 -10.94 -2.86 1.08
CA VAL A 107 -10.47 -1.51 0.84
C VAL A 107 -10.44 -1.23 -0.66
N SER A 108 -9.90 -2.20 -1.40
CA SER A 108 -9.82 -2.07 -2.84
C SER A 108 -11.16 -2.43 -3.48
N GLU A 109 -12.21 -2.33 -2.67
CA GLU A 109 -13.55 -2.63 -3.14
C GLU A 109 -13.72 -4.14 -3.31
N GLU A 110 -13.09 -4.88 -2.42
CA GLU A 110 -13.16 -6.34 -2.46
C GLU A 110 -14.59 -6.78 -2.78
N GLY A 111 -15.54 -6.02 -2.27
CA GLY A 111 -16.94 -6.32 -2.50
C GLY A 111 -17.20 -6.62 -3.99
N GLU A 112 -16.29 -6.14 -4.82
CA GLU A 112 -16.41 -6.36 -6.26
C GLU A 112 -15.27 -7.25 -6.75
N LYS A 113 -14.08 -6.66 -6.79
CA LYS A 113 -12.90 -7.39 -7.24
C LYS A 113 -11.88 -6.40 -7.79
N GLU A 114 -10.75 -6.33 -7.12
CA GLU A 114 -9.69 -5.43 -7.52
C GLU A 114 -10.14 -3.97 -7.38
N LEU A 115 -10.93 -3.53 -8.35
CA LEU A 115 -11.43 -2.17 -8.33
C LEU A 115 -12.38 -1.98 -9.53
N VAL A 116 -11.90 -2.37 -10.69
CA VAL A 116 -12.69 -2.24 -11.90
C VAL A 116 -12.93 -0.76 -12.20
N PRO A 117 -11.82 -0.04 -12.51
CA PRO A 117 -11.90 1.38 -12.81
C PRO A 117 -12.48 1.61 -14.21
N ARG A 118 -12.67 2.89 -14.52
CA ARG A 118 -13.21 3.25 -15.82
C ARG A 118 -14.31 2.27 -16.24
N CYS A 7 2.45 14.57 6.58
CA CYS A 7 2.60 13.15 6.83
C CYS A 7 3.27 12.97 8.19
N THR A 8 4.11 13.93 8.54
CA THR A 8 4.82 13.88 9.81
C THR A 8 3.94 14.43 10.93
N PHE A 9 3.86 15.75 10.99
CA PHE A 9 3.06 16.41 12.01
C PHE A 9 1.65 16.70 11.49
N PHE A 10 1.43 16.31 10.24
CA PHE A 10 0.13 16.52 9.61
C PHE A 10 -0.88 15.46 10.07
N GLU A 11 -0.41 14.22 10.10
CA GLU A 11 -1.26 13.11 10.52
C GLU A 11 -2.66 13.28 9.93
N LYS A 12 -2.80 12.89 8.67
CA LYS A 12 -4.07 12.98 7.99
C LYS A 12 -4.49 11.59 7.49
N HIS A 13 -3.77 11.13 6.48
CA HIS A 13 -4.04 9.83 5.91
C HIS A 13 -3.35 8.74 6.74
N HIS A 14 -3.57 8.82 8.05
CA HIS A 14 -2.97 7.85 8.95
C HIS A 14 -1.46 7.84 8.77
N ARG A 15 -0.83 8.95 9.16
CA ARG A 15 0.61 9.07 9.04
C ARG A 15 1.02 9.11 7.57
N LYS A 16 0.04 9.33 6.72
CA LYS A 16 0.29 9.39 5.28
C LYS A 16 0.65 7.99 4.78
N TRP A 17 -0.37 7.28 4.30
CA TRP A 17 -0.18 5.95 3.79
C TRP A 17 1.04 5.97 2.85
N ASP A 18 1.18 7.08 2.14
CA ASP A 18 2.29 7.24 1.21
C ASP A 18 3.61 7.17 1.99
N ILE A 19 3.54 7.52 3.27
CA ILE A 19 4.71 7.50 4.11
C ILE A 19 5.02 6.05 4.51
N LEU A 20 3.96 5.29 4.73
CA LEU A 20 4.10 3.89 5.11
C LEU A 20 4.48 3.07 3.88
N LEU A 21 3.98 3.51 2.73
CA LEU A 21 4.25 2.82 1.48
C LEU A 21 5.60 3.31 0.92
N GLU A 22 6.01 4.48 1.40
CA GLU A 22 7.26 5.06 0.96
C GLU A 22 8.39 4.70 1.94
N LYS A 23 7.98 4.30 3.14
CA LYS A 23 8.95 3.92 4.16
C LYS A 23 9.21 2.42 4.07
N SER A 24 8.17 1.68 3.71
CA SER A 24 8.28 0.24 3.59
C SER A 24 8.60 -0.14 2.16
N THR A 25 7.60 0.01 1.30
CA THR A 25 7.77 -0.31 -0.11
C THR A 25 8.39 0.86 -0.87
N GLY A 26 9.11 1.69 -0.10
CA GLY A 26 9.76 2.85 -0.69
C GLY A 26 11.23 2.92 -0.27
N VAL A 27 11.60 2.00 0.60
CA VAL A 27 12.97 1.94 1.09
C VAL A 27 13.57 0.56 0.78
N MET A 28 12.74 -0.45 0.98
CA MET A 28 13.17 -1.82 0.73
C MET A 28 14.15 -2.29 1.80
N GLU A 29 13.99 -1.75 2.99
CA GLU A 29 14.86 -2.11 4.11
C GLU A 29 14.40 -1.39 5.38
N ALA A 30 13.94 -0.16 5.19
CA ALA A 30 13.48 0.64 6.31
C ALA A 30 12.25 -0.03 6.95
N MET A 31 11.56 -0.82 6.14
CA MET A 31 10.38 -1.52 6.60
C MET A 31 10.12 -2.77 5.77
N LYS A 32 11.13 -3.16 5.01
CA LYS A 32 11.01 -4.33 4.16
C LYS A 32 11.91 -5.45 4.70
N VAL A 33 12.82 -5.05 5.57
CA VAL A 33 13.74 -6.00 6.17
C VAL A 33 13.24 -6.38 7.58
N THR A 34 11.95 -6.66 7.65
CA THR A 34 11.32 -7.03 8.91
C THR A 34 10.46 -8.28 8.74
N SER A 35 11.14 -9.40 8.54
CA SER A 35 10.45 -10.67 8.37
C SER A 35 9.46 -10.57 7.19
N GLU A 36 9.87 -11.14 6.07
CA GLU A 36 9.04 -11.12 4.88
C GLU A 36 7.57 -10.97 5.26
N GLU A 37 7.01 -12.06 5.78
CA GLU A 37 5.62 -12.07 6.19
C GLU A 37 5.29 -10.81 7.00
N LYS A 38 6.28 -10.37 7.77
CA LYS A 38 6.11 -9.18 8.58
C LYS A 38 6.52 -7.94 7.78
N GLU A 39 7.38 -8.18 6.80
CA GLU A 39 7.86 -7.10 5.95
C GLU A 39 6.67 -6.41 5.25
N GLN A 40 5.55 -7.11 5.24
CA GLN A 40 4.35 -6.59 4.61
C GLN A 40 3.20 -6.51 5.64
N LEU A 41 3.19 -7.48 6.53
CA LEU A 41 2.16 -7.53 7.55
C LEU A 41 2.39 -6.39 8.55
N SER A 42 3.51 -6.46 9.24
CA SER A 42 3.85 -5.45 10.23
C SER A 42 4.07 -4.11 9.53
N THR A 43 4.38 -4.18 8.24
CA THR A 43 4.62 -2.98 7.46
C THR A 43 3.29 -2.37 7.01
N ALA A 44 2.25 -3.20 7.06
CA ALA A 44 0.93 -2.75 6.65
C ALA A 44 -0.04 -2.94 7.83
N ILE A 45 0.51 -3.34 8.96
CA ILE A 45 -0.28 -3.57 10.14
C ILE A 45 0.02 -2.48 11.17
N ASP A 46 1.30 -2.19 11.32
CA ASP A 46 1.73 -1.16 12.26
C ASP A 46 0.58 -0.19 12.51
N ARG A 47 0.21 0.52 11.45
CA ARG A 47 -0.88 1.48 11.54
C ARG A 47 -1.79 1.38 10.32
N MET A 48 -1.36 0.57 9.37
CA MET A 48 -2.11 0.37 8.14
C MET A 48 -3.29 -0.57 8.37
N ASN A 49 -3.20 -1.33 9.47
CA ASN A 49 -4.24 -2.28 9.82
C ASN A 49 -5.61 -1.59 9.66
N GLU A 50 -5.94 -0.78 10.65
CA GLU A 50 -7.20 -0.07 10.65
C GLU A 50 -7.05 1.27 9.91
N GLY A 51 -5.82 1.74 9.85
CA GLY A 51 -5.54 3.00 9.17
C GLY A 51 -5.65 2.85 7.65
N LEU A 52 -5.07 1.77 7.15
CA LEU A 52 -5.11 1.49 5.73
C LEU A 52 -6.54 1.15 5.30
N ASP A 53 -7.13 0.21 6.03
CA ASP A 53 -8.49 -0.21 5.75
C ASP A 53 -9.41 1.01 5.77
N ALA A 54 -9.09 1.93 6.65
CA ALA A 54 -9.88 3.15 6.78
C ALA A 54 -9.59 4.08 5.61
N PHE A 55 -8.40 4.66 5.64
CA PHE A 55 -7.98 5.57 4.58
C PHE A 55 -8.28 4.97 3.20
N ILE A 56 -7.83 3.75 3.01
CA ILE A 56 -8.03 3.06 1.75
C ILE A 56 -9.52 3.06 1.42
N GLN A 57 -10.33 2.80 2.43
CA GLN A 57 -11.76 2.76 2.27
C GLN A 57 -12.34 4.19 2.22
N LEU A 58 -11.44 5.15 2.39
CA LEU A 58 -11.83 6.54 2.37
C LEU A 58 -11.24 7.23 1.14
N TYR A 59 -10.26 6.55 0.54
CA TYR A 59 -9.61 7.07 -0.65
C TYR A 59 -9.75 6.09 -1.82
N ASN A 60 -9.04 4.99 -1.72
CA ASN A 60 -9.07 3.97 -2.76
C ASN A 60 -7.73 3.23 -2.78
N GLU A 61 -6.73 3.86 -2.18
CA GLU A 61 -5.40 3.28 -2.13
C GLU A 61 -4.54 3.82 -3.28
N SER A 62 -5.07 4.83 -3.94
CA SER A 62 -4.36 5.45 -5.06
C SER A 62 -5.12 6.68 -5.54
N GLU A 63 -5.76 7.36 -4.59
CA GLU A 63 -6.52 8.55 -4.91
C GLU A 63 -6.24 9.65 -3.88
N ILE A 64 -4.99 9.74 -3.48
CA ILE A 64 -4.58 10.73 -2.51
C ILE A 64 -4.64 12.12 -3.14
N ASP A 65 -4.10 12.22 -4.34
CA ASP A 65 -4.09 13.47 -5.07
C ASP A 65 -5.53 13.92 -5.33
N GLU A 66 -6.33 12.99 -5.83
CA GLU A 66 -7.72 13.27 -6.11
C GLU A 66 -7.96 13.27 -7.63
N PRO A 67 -7.11 14.07 -8.35
CA PRO A 67 -7.22 14.17 -9.79
C PRO A 67 -6.67 12.91 -10.46
N LEU A 68 -5.54 12.45 -9.96
CA LEU A 68 -4.90 11.27 -10.51
C LEU A 68 -4.20 11.63 -11.82
N ILE A 69 -3.55 12.79 -11.80
CA ILE A 69 -2.84 13.26 -12.99
C ILE A 69 -1.42 13.67 -12.59
N GLN A 70 -1.12 13.49 -11.31
CA GLN A 70 0.19 13.85 -10.79
C GLN A 70 0.34 13.36 -9.35
N LEU A 71 0.30 12.04 -9.21
CA LEU A 71 0.44 11.43 -7.89
C LEU A 71 -0.10 9.99 -7.94
N ASP A 72 -0.98 9.76 -8.90
CA ASP A 72 -1.57 8.44 -9.08
C ASP A 72 -0.48 7.44 -9.46
N ASP A 73 0.35 7.87 -10.41
CA ASP A 73 1.43 7.03 -10.88
C ASP A 73 2.64 7.19 -9.96
N ASP A 74 2.61 8.27 -9.19
CA ASP A 74 3.70 8.56 -8.26
C ASP A 74 3.63 7.56 -7.10
N THR A 75 2.41 7.19 -6.74
CA THR A 75 2.21 6.26 -5.65
C THR A 75 1.91 4.86 -6.20
N ALA A 76 1.22 4.83 -7.33
CA ALA A 76 0.87 3.58 -7.96
C ALA A 76 2.14 2.91 -8.50
N GLU A 77 3.10 3.74 -8.88
CA GLU A 77 4.35 3.24 -9.41
C GLU A 77 5.09 2.44 -8.34
N LEU A 78 4.77 2.73 -7.09
CA LEU A 78 5.40 2.05 -5.97
C LEU A 78 4.64 0.76 -5.68
N MET A 79 3.35 0.93 -5.41
CA MET A 79 2.50 -0.20 -5.10
C MET A 79 2.43 -1.18 -6.28
N LYS A 80 2.60 -0.62 -7.47
CA LYS A 80 2.56 -1.42 -8.69
C LYS A 80 3.94 -2.07 -8.91
N GLN A 81 4.93 -1.21 -9.09
CA GLN A 81 6.29 -1.67 -9.30
C GLN A 81 6.71 -2.63 -8.19
N ALA A 82 6.13 -2.42 -7.02
CA ALA A 82 6.43 -3.26 -5.87
C ALA A 82 5.63 -4.56 -5.97
N ARG A 83 4.32 -4.40 -6.04
CA ARG A 83 3.44 -5.56 -6.14
C ARG A 83 3.54 -6.18 -7.53
N ASP A 84 4.47 -5.66 -8.32
CA ASP A 84 4.67 -6.15 -9.67
C ASP A 84 6.08 -6.75 -9.78
N MET A 85 7.04 -6.01 -9.24
CA MET A 85 8.42 -6.46 -9.27
C MET A 85 8.60 -7.79 -8.52
N TYR A 86 7.78 -7.96 -7.50
CA TYR A 86 7.83 -9.17 -6.70
C TYR A 86 6.85 -9.09 -5.52
N GLY A 87 5.77 -8.35 -5.74
CA GLY A 87 4.76 -8.18 -4.71
C GLY A 87 5.11 -7.02 -3.78
N GLN A 88 6.41 -6.79 -3.63
CA GLN A 88 6.88 -5.72 -2.77
C GLN A 88 8.37 -5.91 -2.47
N GLU A 89 8.86 -7.10 -2.76
CA GLU A 89 10.25 -7.42 -2.52
C GLU A 89 10.59 -8.79 -3.10
N LYS A 90 9.65 -9.72 -2.94
CA LYS A 90 9.84 -11.07 -3.46
C LYS A 90 8.99 -12.04 -2.64
N LEU A 91 7.79 -11.59 -2.30
CA LEU A 91 6.87 -12.40 -1.53
C LEU A 91 5.52 -12.45 -2.24
N ASN A 92 5.44 -11.73 -3.34
CA ASN A 92 4.21 -11.68 -4.13
C ASN A 92 3.51 -13.04 -4.03
N GLU A 93 4.31 -14.10 -4.07
CA GLU A 93 3.78 -15.45 -3.98
C GLU A 93 2.67 -15.52 -2.93
N LYS A 94 2.96 -14.94 -1.76
CA LYS A 94 2.00 -14.93 -0.68
C LYS A 94 1.70 -13.49 -0.28
N LEU A 95 2.52 -12.58 -0.79
CA LEU A 95 2.36 -11.17 -0.50
C LEU A 95 1.24 -10.60 -1.38
N ASN A 96 0.94 -11.32 -2.45
CA ASN A 96 -0.09 -10.91 -3.38
C ASN A 96 -1.43 -10.82 -2.63
N THR A 97 -1.67 -11.81 -1.79
CA THR A 97 -2.89 -11.86 -1.02
C THR A 97 -2.72 -11.13 0.31
N ILE A 98 -1.49 -11.14 0.80
CA ILE A 98 -1.16 -10.49 2.05
C ILE A 98 -1.14 -8.97 1.84
N ILE A 99 -0.81 -8.58 0.61
CA ILE A 99 -0.74 -7.17 0.27
C ILE A 99 -2.16 -6.64 0.05
N LYS A 100 -2.94 -7.42 -0.69
CA LYS A 100 -4.31 -7.04 -0.98
C LYS A 100 -5.15 -7.20 0.29
N GLN A 101 -4.65 -8.00 1.20
CA GLN A 101 -5.34 -8.24 2.46
C GLN A 101 -4.92 -7.21 3.51
N ILE A 102 -3.62 -6.96 3.55
CA ILE A 102 -3.07 -6.00 4.50
C ILE A 102 -3.25 -4.58 3.95
N LEU A 103 -3.69 -4.52 2.70
CA LEU A 103 -3.90 -3.24 2.05
C LEU A 103 -5.38 -2.88 2.13
N SER A 104 -6.22 -3.88 1.91
CA SER A 104 -7.66 -3.68 1.96
C SER A 104 -8.29 -4.69 2.92
N ILE A 105 -7.69 -5.87 2.97
CA ILE A 105 -8.18 -6.92 3.84
C ILE A 105 -9.60 -7.32 3.41
N SER A 106 -9.91 -6.99 2.16
CA SER A 106 -11.22 -7.29 1.62
C SER A 106 -12.18 -6.11 1.84
N VAL A 107 -11.58 -4.96 2.13
CA VAL A 107 -12.37 -3.76 2.37
C VAL A 107 -12.42 -2.93 1.09
N SER A 108 -11.58 -3.30 0.13
CA SER A 108 -11.52 -2.60 -1.13
C SER A 108 -12.82 -2.81 -1.91
N GLU A 109 -13.65 -3.68 -1.37
CA GLU A 109 -14.93 -3.98 -1.99
C GLU A 109 -14.81 -5.25 -2.84
N GLU A 110 -13.76 -6.01 -2.56
CA GLU A 110 -13.53 -7.25 -3.29
C GLU A 110 -13.07 -6.95 -4.72
N GLY A 111 -13.84 -6.10 -5.38
CA GLY A 111 -13.52 -5.72 -6.75
C GLY A 111 -13.13 -6.95 -7.58
N GLU A 112 -13.62 -8.09 -7.15
CA GLU A 112 -13.33 -9.34 -7.84
C GLU A 112 -11.82 -9.57 -7.89
N LYS A 113 -11.17 -9.31 -6.76
CA LYS A 113 -9.74 -9.48 -6.66
C LYS A 113 -9.04 -8.62 -7.72
N GLU A 114 -9.63 -7.46 -7.97
CA GLU A 114 -9.09 -6.55 -8.96
C GLU A 114 -7.55 -6.50 -8.86
N LEU A 115 -7.09 -6.21 -7.65
CA LEU A 115 -5.65 -6.14 -7.41
C LEU A 115 -4.95 -7.27 -8.16
N VAL A 116 -5.24 -8.49 -7.72
CA VAL A 116 -4.64 -9.67 -8.34
C VAL A 116 -5.75 -10.62 -8.78
N PRO A 117 -6.18 -10.45 -10.06
CA PRO A 117 -7.23 -11.28 -10.62
C PRO A 117 -6.71 -12.69 -10.93
N ARG A 118 -5.58 -12.71 -11.65
CA ARG A 118 -4.97 -13.98 -12.04
C ARG A 118 -3.68 -13.72 -12.82
N CYS A 7 3.69 14.62 6.64
CA CYS A 7 4.78 13.86 6.05
C CYS A 7 5.99 14.78 5.91
N THR A 8 5.82 15.83 5.13
CA THR A 8 6.89 16.79 4.91
C THR A 8 7.22 17.53 6.21
N PHE A 9 6.18 17.78 6.99
CA PHE A 9 6.35 18.47 8.26
C PHE A 9 5.89 17.60 9.43
N PHE A 10 4.61 17.69 9.73
CA PHE A 10 4.04 16.91 10.81
C PHE A 10 2.90 16.01 10.31
N GLU A 11 1.85 16.66 9.85
CA GLU A 11 0.70 15.92 9.34
C GLU A 11 0.20 14.91 10.37
N LYS A 12 -0.89 14.25 10.04
CA LYS A 12 -1.46 13.25 10.93
C LYS A 12 -1.53 11.90 10.20
N HIS A 13 -2.21 11.91 9.06
CA HIS A 13 -2.35 10.70 8.26
C HIS A 13 -1.39 10.75 7.08
N HIS A 14 -1.24 11.95 6.52
CA HIS A 14 -0.36 12.14 5.38
C HIS A 14 1.00 11.48 5.67
N ARG A 15 1.37 11.50 6.94
CA ARG A 15 2.63 10.90 7.35
C ARG A 15 2.39 9.51 7.94
N LYS A 16 1.36 8.85 7.43
CA LYS A 16 1.02 7.52 7.90
C LYS A 16 0.98 6.56 6.71
N TRP A 17 0.05 6.83 5.80
CA TRP A 17 -0.10 6.01 4.62
C TRP A 17 1.11 6.25 3.71
N ASP A 18 1.15 7.46 3.15
CA ASP A 18 2.23 7.83 2.25
C ASP A 18 3.57 7.45 2.89
N ILE A 19 3.60 7.51 4.22
CA ILE A 19 4.80 7.18 4.95
C ILE A 19 5.03 5.66 4.88
N LEU A 20 3.94 4.93 4.92
CA LEU A 20 4.00 3.48 4.85
C LEU A 20 4.33 3.06 3.41
N LEU A 21 3.78 3.81 2.47
CA LEU A 21 3.99 3.53 1.06
C LEU A 21 5.34 4.10 0.64
N GLU A 22 5.88 4.96 1.48
CA GLU A 22 7.16 5.59 1.20
C GLU A 22 8.27 4.94 2.05
N LYS A 23 7.84 4.11 2.99
CA LYS A 23 8.77 3.42 3.85
C LYS A 23 8.79 1.93 3.50
N SER A 24 7.66 1.29 3.75
CA SER A 24 7.54 -0.13 3.46
C SER A 24 7.87 -0.40 1.99
N THR A 25 6.84 -0.37 1.17
CA THR A 25 7.00 -0.61 -0.25
C THR A 25 7.39 0.69 -0.97
N GLY A 26 8.06 1.55 -0.24
CA GLY A 26 8.50 2.83 -0.79
C GLY A 26 10.02 2.96 -0.76
N VAL A 27 10.64 2.06 0.00
CA VAL A 27 12.09 2.06 0.12
C VAL A 27 12.63 0.68 -0.25
N MET A 28 11.93 -0.33 0.21
CA MET A 28 12.32 -1.71 -0.06
C MET A 28 13.44 -2.16 0.88
N GLU A 29 13.44 -1.58 2.07
CA GLU A 29 14.44 -1.91 3.07
C GLU A 29 14.20 -1.10 4.35
N ALA A 30 13.75 0.13 4.16
CA ALA A 30 13.49 1.01 5.29
C ALA A 30 12.39 0.39 6.16
N MET A 31 11.57 -0.43 5.52
CA MET A 31 10.48 -1.09 6.22
C MET A 31 10.12 -2.42 5.56
N LYS A 32 11.03 -2.88 4.70
CA LYS A 32 10.83 -4.14 4.00
C LYS A 32 11.88 -5.15 4.46
N VAL A 33 12.88 -4.64 5.17
CA VAL A 33 13.95 -5.48 5.67
C VAL A 33 13.80 -5.63 7.18
N THR A 34 12.58 -5.91 7.60
CA THR A 34 12.29 -6.08 9.02
C THR A 34 11.92 -7.53 9.32
N SER A 35 11.43 -8.21 8.30
CA SER A 35 11.05 -9.60 8.43
C SER A 35 9.81 -9.89 7.56
N GLU A 36 10.05 -10.65 6.51
CA GLU A 36 8.98 -11.02 5.58
C GLU A 36 7.64 -11.07 6.32
N GLU A 37 7.55 -12.01 7.24
CA GLU A 37 6.34 -12.19 8.03
C GLU A 37 5.86 -10.83 8.56
N LYS A 38 6.82 -9.96 8.82
CA LYS A 38 6.51 -8.64 9.32
C LYS A 38 6.43 -7.65 8.16
N GLU A 39 7.15 -7.98 7.11
CA GLU A 39 7.17 -7.13 5.92
C GLU A 39 5.83 -7.21 5.19
N GLN A 40 4.98 -8.10 5.68
CA GLN A 40 3.67 -8.29 5.08
C GLN A 40 2.57 -8.08 6.12
N LEU A 41 2.82 -8.62 7.31
CA LEU A 41 1.86 -8.50 8.40
C LEU A 41 2.09 -7.17 9.12
N SER A 42 3.32 -6.98 9.58
CA SER A 42 3.67 -5.77 10.30
C SER A 42 3.69 -4.58 9.33
N THR A 43 3.78 -4.91 8.05
CA THR A 43 3.80 -3.88 7.02
C THR A 43 2.39 -3.61 6.51
N ALA A 44 1.52 -4.59 6.71
CA ALA A 44 0.13 -4.45 6.28
C ALA A 44 -0.76 -4.29 7.51
N ILE A 45 -0.12 -4.26 8.67
CA ILE A 45 -0.85 -4.10 9.92
C ILE A 45 -0.35 -2.85 10.64
N ASP A 46 0.96 -2.68 10.64
CA ASP A 46 1.56 -1.53 11.29
C ASP A 46 0.55 -0.39 11.32
N ARG A 47 0.28 0.15 10.15
CA ARG A 47 -0.67 1.25 10.03
C ARG A 47 -1.68 0.97 8.92
N MET A 48 -1.34 0.00 8.08
CA MET A 48 -2.20 -0.37 6.98
C MET A 48 -3.46 -1.08 7.48
N ASN A 49 -3.36 -1.61 8.69
CA ASN A 49 -4.47 -2.31 9.30
C ASN A 49 -5.71 -1.42 9.25
N GLU A 50 -5.85 -0.59 10.28
CA GLU A 50 -6.98 0.31 10.37
C GLU A 50 -6.72 1.58 9.56
N GLY A 51 -5.44 1.83 9.31
CA GLY A 51 -5.04 3.00 8.55
C GLY A 51 -5.44 2.87 7.09
N LEU A 52 -5.02 1.76 6.48
CA LEU A 52 -5.33 1.51 5.09
C LEU A 52 -6.85 1.42 4.92
N ASP A 53 -7.45 0.54 5.71
CA ASP A 53 -8.89 0.34 5.66
C ASP A 53 -9.58 1.71 5.71
N ALA A 54 -9.05 2.58 6.55
CA ALA A 54 -9.61 3.91 6.71
C ALA A 54 -9.14 4.79 5.53
N PHE A 55 -7.89 5.20 5.61
CA PHE A 55 -7.33 6.04 4.57
C PHE A 55 -7.85 5.63 3.19
N ILE A 56 -7.69 4.36 2.89
CA ILE A 56 -8.15 3.83 1.61
C ILE A 56 -9.65 4.07 1.46
N GLN A 57 -10.36 3.77 2.54
CA GLN A 57 -11.80 3.95 2.55
C GLN A 57 -12.16 5.44 2.42
N LEU A 58 -11.14 6.27 2.54
CA LEU A 58 -11.33 7.70 2.43
C LEU A 58 -10.82 8.18 1.08
N TYR A 59 -9.84 7.46 0.56
CA TYR A 59 -9.26 7.81 -0.73
C TYR A 59 -9.38 6.63 -1.71
N ASN A 60 -8.63 5.58 -1.42
CA ASN A 60 -8.65 4.40 -2.28
C ASN A 60 -7.30 3.69 -2.17
N GLU A 61 -6.28 4.48 -1.87
CA GLU A 61 -4.93 3.92 -1.73
C GLU A 61 -4.14 4.15 -3.02
N SER A 62 -4.37 5.31 -3.63
CA SER A 62 -3.69 5.65 -4.87
C SER A 62 -3.70 7.18 -5.06
N GLU A 63 -4.88 7.75 -4.93
CA GLU A 63 -5.04 9.19 -5.08
C GLU A 63 -4.35 9.92 -3.93
N ILE A 64 -4.80 9.60 -2.72
CA ILE A 64 -4.25 10.22 -1.52
C ILE A 64 -4.79 11.64 -1.39
N ASP A 65 -5.49 12.08 -2.44
CA ASP A 65 -6.07 13.41 -2.45
C ASP A 65 -7.36 13.39 -3.28
N GLU A 66 -7.23 12.86 -4.49
CA GLU A 66 -8.37 12.77 -5.38
C GLU A 66 -7.91 12.65 -6.83
N PRO A 67 -7.15 13.69 -7.27
CA PRO A 67 -6.63 13.71 -8.63
C PRO A 67 -5.45 12.75 -8.79
N LEU A 68 -4.28 13.20 -8.35
CA LEU A 68 -3.08 12.39 -8.43
C LEU A 68 -1.97 13.04 -7.60
N ILE A 69 -1.97 14.35 -7.61
CA ILE A 69 -0.97 15.11 -6.87
C ILE A 69 0.38 15.01 -7.59
N GLN A 70 0.31 14.53 -8.83
CA GLN A 70 1.52 14.38 -9.63
C GLN A 70 2.50 13.44 -8.93
N LEU A 71 1.96 12.62 -8.03
CA LEU A 71 2.78 11.68 -7.30
C LEU A 71 2.02 10.36 -7.15
N ASP A 72 0.84 10.33 -7.74
CA ASP A 72 0.00 9.15 -7.68
C ASP A 72 0.67 8.01 -8.47
N ASP A 73 1.45 8.41 -9.46
CA ASP A 73 2.15 7.46 -10.30
C ASP A 73 3.45 7.04 -9.61
N ASP A 74 3.90 7.89 -8.69
CA ASP A 74 5.13 7.62 -7.96
C ASP A 74 4.84 6.60 -6.86
N THR A 75 3.63 6.65 -6.34
CA THR A 75 3.21 5.75 -5.28
C THR A 75 2.49 4.54 -5.86
N ALA A 76 1.68 4.81 -6.88
CA ALA A 76 0.93 3.76 -7.54
C ALA A 76 1.89 2.83 -8.27
N GLU A 77 2.93 3.43 -8.83
CA GLU A 77 3.93 2.67 -9.56
C GLU A 77 4.80 1.86 -8.59
N LEU A 78 4.91 2.38 -7.37
CA LEU A 78 5.70 1.73 -6.36
C LEU A 78 5.02 0.43 -5.92
N MET A 79 3.78 0.58 -5.43
CA MET A 79 3.01 -0.57 -4.99
C MET A 79 2.66 -1.48 -6.16
N LYS A 80 2.43 -0.85 -7.31
CA LYS A 80 2.08 -1.59 -8.50
C LYS A 80 3.31 -2.35 -9.01
N GLN A 81 4.29 -1.60 -9.48
CA GLN A 81 5.51 -2.19 -9.99
C GLN A 81 6.09 -3.17 -8.95
N ALA A 82 5.67 -2.99 -7.71
CA ALA A 82 6.15 -3.84 -6.63
C ALA A 82 5.44 -5.20 -6.72
N ARG A 83 4.22 -5.22 -6.21
CA ARG A 83 3.43 -6.44 -6.22
C ARG A 83 3.30 -6.98 -7.65
N ASP A 84 3.80 -6.19 -8.59
CA ASP A 84 3.74 -6.57 -9.99
C ASP A 84 4.99 -7.39 -10.34
N MET A 85 6.15 -6.82 -10.00
CA MET A 85 7.41 -7.48 -10.27
C MET A 85 7.63 -8.67 -9.33
N TYR A 86 7.63 -8.36 -8.03
CA TYR A 86 7.82 -9.37 -7.02
C TYR A 86 7.49 -8.83 -5.63
N GLY A 87 6.68 -7.78 -5.61
CA GLY A 87 6.27 -7.16 -4.37
C GLY A 87 7.32 -6.15 -3.89
N GLN A 88 7.84 -5.39 -4.84
CA GLN A 88 8.84 -4.38 -4.53
C GLN A 88 10.20 -5.05 -4.33
N GLU A 89 10.17 -6.35 -4.10
CA GLU A 89 11.38 -7.10 -3.89
C GLU A 89 11.07 -8.58 -3.67
N LYS A 90 9.98 -8.82 -2.95
CA LYS A 90 9.54 -10.18 -2.67
C LYS A 90 8.23 -10.14 -1.88
N LEU A 91 7.46 -9.09 -2.13
CA LEU A 91 6.19 -8.92 -1.46
C LEU A 91 5.08 -9.57 -2.30
N ASN A 92 5.44 -10.66 -2.95
CA ASN A 92 4.49 -11.38 -3.79
C ASN A 92 4.38 -12.82 -3.30
N GLU A 93 5.53 -13.40 -3.00
CA GLU A 93 5.58 -14.78 -2.54
C GLU A 93 4.36 -15.08 -1.67
N LYS A 94 4.41 -14.62 -0.43
CA LYS A 94 3.31 -14.84 0.50
C LYS A 94 2.69 -13.49 0.87
N LEU A 95 3.38 -12.42 0.47
CA LEU A 95 2.90 -11.09 0.75
C LEU A 95 1.83 -10.70 -0.27
N ASN A 96 1.82 -11.44 -1.37
CA ASN A 96 0.85 -11.20 -2.43
C ASN A 96 -0.57 -11.45 -1.90
N THR A 97 -0.66 -12.46 -1.03
CA THR A 97 -1.94 -12.82 -0.45
C THR A 97 -2.20 -11.99 0.81
N ILE A 98 -1.13 -11.73 1.54
CA ILE A 98 -1.23 -10.96 2.76
C ILE A 98 -1.54 -9.50 2.41
N ILE A 99 -0.96 -9.05 1.30
CA ILE A 99 -1.16 -7.68 0.85
C ILE A 99 -2.48 -7.60 0.09
N LYS A 100 -2.76 -8.64 -0.67
CA LYS A 100 -3.99 -8.70 -1.46
C LYS A 100 -5.17 -8.96 -0.52
N GLN A 101 -4.85 -9.47 0.66
CA GLN A 101 -5.86 -9.78 1.65
C GLN A 101 -6.14 -8.55 2.52
N ILE A 102 -5.06 -7.93 2.97
CA ILE A 102 -5.17 -6.75 3.81
C ILE A 102 -5.79 -5.61 3.01
N LEU A 103 -5.62 -5.68 1.70
CA LEU A 103 -6.16 -4.67 0.81
C LEU A 103 -7.56 -5.08 0.36
N SER A 104 -7.71 -6.38 0.14
CA SER A 104 -9.00 -6.92 -0.29
C SER A 104 -9.96 -7.00 0.90
N ILE A 105 -9.41 -6.79 2.08
CA ILE A 105 -10.20 -6.83 3.29
C ILE A 105 -11.19 -5.66 3.29
N SER A 106 -10.97 -4.75 2.37
CA SER A 106 -11.84 -3.59 2.24
C SER A 106 -11.03 -2.39 1.74
N VAL A 107 -10.24 -2.63 0.71
CA VAL A 107 -9.42 -1.60 0.13
C VAL A 107 -9.28 -1.84 -1.38
N SER A 108 -9.00 -3.09 -1.72
CA SER A 108 -8.85 -3.46 -3.12
C SER A 108 -10.19 -3.92 -3.69
N GLU A 109 -10.99 -4.52 -2.82
CA GLU A 109 -12.30 -5.01 -3.23
C GLU A 109 -12.93 -4.04 -4.24
N GLU A 110 -12.58 -2.77 -4.09
CA GLU A 110 -13.11 -1.75 -4.97
C GLU A 110 -12.17 -0.53 -4.99
N GLY A 111 -11.04 -0.71 -5.65
CA GLY A 111 -10.06 0.36 -5.75
C GLY A 111 -10.41 1.31 -6.90
N GLU A 112 -11.68 1.32 -7.26
CA GLU A 112 -12.16 2.17 -8.33
C GLU A 112 -12.06 1.45 -9.67
N LYS A 113 -11.71 0.19 -9.60
CA LYS A 113 -11.58 -0.63 -10.80
C LYS A 113 -10.59 -1.77 -10.54
N GLU A 114 -11.10 -2.99 -10.65
CA GLU A 114 -10.28 -4.17 -10.43
C GLU A 114 -11.16 -5.37 -10.11
N LEU A 115 -11.75 -5.93 -11.15
CA LEU A 115 -12.62 -7.09 -11.00
C LEU A 115 -13.71 -6.77 -9.96
N VAL A 116 -14.61 -7.72 -9.79
CA VAL A 116 -15.70 -7.56 -8.84
C VAL A 116 -16.55 -8.83 -8.83
N PRO A 117 -15.91 -9.95 -8.38
CA PRO A 117 -16.60 -11.22 -8.31
C PRO A 117 -17.56 -11.25 -7.12
N ARG A 118 -16.99 -11.25 -5.92
CA ARG A 118 -17.79 -11.28 -4.71
C ARG A 118 -17.59 -9.99 -3.92
N CYS A 7 2.73 14.34 4.98
CA CYS A 7 4.16 14.56 4.83
C CYS A 7 4.40 15.22 3.46
N THR A 8 3.80 14.61 2.45
CA THR A 8 3.94 15.12 1.09
C THR A 8 3.45 16.57 1.01
N PHE A 9 2.41 16.85 1.79
CA PHE A 9 1.85 18.19 1.81
C PHE A 9 2.04 18.84 3.18
N PHE A 10 1.23 18.38 4.14
CA PHE A 10 1.30 18.91 5.50
C PHE A 10 1.75 17.83 6.48
N GLU A 11 0.78 17.07 6.96
CA GLU A 11 1.06 16.00 7.91
C GLU A 11 -0.23 15.50 8.54
N LYS A 12 -1.03 14.82 7.73
CA LYS A 12 -2.30 14.28 8.18
C LYS A 12 -2.27 12.76 8.04
N HIS A 13 -2.80 12.29 6.91
CA HIS A 13 -2.84 10.87 6.64
C HIS A 13 -1.74 10.49 5.64
N HIS A 14 -1.24 11.52 4.96
CA HIS A 14 -0.19 11.31 3.98
C HIS A 14 1.14 11.05 4.69
N ARG A 15 1.21 11.50 5.94
CA ARG A 15 2.42 11.32 6.74
C ARG A 15 2.33 10.01 7.53
N LYS A 16 1.46 9.12 7.05
CA LYS A 16 1.29 7.84 7.70
C LYS A 16 1.08 6.76 6.63
N TRP A 17 -0.08 6.82 5.99
CA TRP A 17 -0.40 5.86 4.95
C TRP A 17 0.67 5.95 3.86
N ASP A 18 0.63 7.05 3.12
CA ASP A 18 1.59 7.28 2.06
C ASP A 18 3.01 7.14 2.62
N ILE A 19 3.12 7.32 3.93
CA ILE A 19 4.40 7.22 4.60
C ILE A 19 4.78 5.75 4.75
N LEU A 20 3.75 4.90 4.78
CA LEU A 20 3.97 3.47 4.93
C LEU A 20 4.31 2.87 3.57
N LEU A 21 3.77 3.49 2.53
CA LEU A 21 4.02 3.04 1.18
C LEU A 21 5.18 3.83 0.57
N GLU A 22 5.55 4.90 1.25
CA GLU A 22 6.63 5.75 0.80
C GLU A 22 7.87 5.54 1.67
N LYS A 23 7.64 4.94 2.83
CA LYS A 23 8.73 4.66 3.76
C LYS A 23 8.90 3.15 3.91
N SER A 24 7.85 2.43 3.56
CA SER A 24 7.88 0.98 3.66
C SER A 24 7.60 0.36 2.28
N THR A 25 8.47 0.69 1.33
CA THR A 25 8.33 0.18 -0.02
C THR A 25 9.59 -0.57 -0.44
N GLY A 26 10.37 -0.96 0.56
CA GLY A 26 11.61 -1.69 0.31
C GLY A 26 12.76 -0.73 0.01
N VAL A 27 12.39 0.54 -0.16
CA VAL A 27 13.38 1.56 -0.45
C VAL A 27 14.12 1.93 0.84
N MET A 28 13.34 2.20 1.88
CA MET A 28 13.91 2.56 3.17
C MET A 28 14.30 1.32 3.96
N GLU A 29 13.87 0.17 3.46
CA GLU A 29 14.15 -1.09 4.12
C GLU A 29 13.21 -1.31 5.30
N ALA A 30 12.39 -0.30 5.55
CA ALA A 30 11.44 -0.37 6.65
C ALA A 30 10.38 -1.43 6.34
N MET A 31 10.39 -1.88 5.10
CA MET A 31 9.44 -2.90 4.67
C MET A 31 10.16 -4.07 4.00
N LYS A 32 11.48 -3.93 3.88
CA LYS A 32 12.29 -4.97 3.27
C LYS A 32 13.37 -5.40 4.25
N VAL A 33 13.38 -4.75 5.41
CA VAL A 33 14.35 -5.06 6.43
C VAL A 33 13.62 -5.43 7.74
N THR A 34 12.39 -5.89 7.57
CA THR A 34 11.58 -6.28 8.71
C THR A 34 11.38 -7.80 8.74
N SER A 35 12.36 -8.49 8.17
CA SER A 35 12.31 -9.94 8.12
C SER A 35 11.38 -10.40 7.00
N GLU A 36 10.82 -9.42 6.31
CA GLU A 36 9.91 -9.70 5.20
C GLU A 36 8.54 -10.11 5.74
N GLU A 37 8.54 -11.09 6.64
CA GLU A 37 7.31 -11.58 7.23
C GLU A 37 6.69 -10.49 8.10
N LYS A 38 7.53 -9.82 8.87
CA LYS A 38 7.07 -8.77 9.76
C LYS A 38 6.92 -7.47 8.95
N GLU A 39 7.54 -7.46 7.78
CA GLU A 39 7.48 -6.30 6.91
C GLU A 39 6.09 -6.15 6.31
N GLN A 40 5.56 -7.28 5.83
CA GLN A 40 4.23 -7.29 5.23
C GLN A 40 3.16 -7.31 6.32
N LEU A 41 3.46 -8.05 7.39
CA LEU A 41 2.53 -8.17 8.50
C LEU A 41 2.24 -6.78 9.07
N SER A 42 3.31 -6.02 9.28
CA SER A 42 3.19 -4.68 9.82
C SER A 42 2.57 -3.75 8.78
N THR A 43 3.09 -3.84 7.56
CA THR A 43 2.60 -3.03 6.47
C THR A 43 1.17 -3.44 6.09
N ALA A 44 0.69 -4.46 6.78
CA ALA A 44 -0.66 -4.96 6.53
C ALA A 44 -1.49 -4.83 7.81
N ILE A 45 -0.80 -4.57 8.91
CA ILE A 45 -1.46 -4.43 10.19
C ILE A 45 -1.02 -3.12 10.85
N ASP A 46 0.29 -2.94 10.93
CA ASP A 46 0.84 -1.74 11.53
C ASP A 46 -0.18 -0.61 11.46
N ARG A 47 -0.44 -0.16 10.23
CA ARG A 47 -1.41 0.90 10.02
C ARG A 47 -2.44 0.48 8.97
N MET A 48 -2.15 -0.62 8.30
CA MET A 48 -3.04 -1.15 7.28
C MET A 48 -4.36 -1.61 7.90
N ASN A 49 -4.32 -1.86 9.20
CA ASN A 49 -5.50 -2.30 9.91
C ASN A 49 -6.59 -1.22 9.83
N GLU A 50 -6.62 -0.40 10.87
CA GLU A 50 -7.59 0.67 10.94
C GLU A 50 -7.14 1.86 10.07
N GLY A 51 -5.86 1.84 9.74
CA GLY A 51 -5.29 2.90 8.92
C GLY A 51 -5.69 2.74 7.46
N LEU A 52 -5.73 1.49 7.02
CA LEU A 52 -6.11 1.19 5.65
C LEU A 52 -7.59 1.52 5.44
N ASP A 53 -8.42 0.99 6.31
CA ASP A 53 -9.85 1.23 6.24
C ASP A 53 -10.12 2.73 6.34
N ALA A 54 -9.36 3.37 7.22
CA ALA A 54 -9.51 4.79 7.42
C ALA A 54 -8.89 5.55 6.25
N PHE A 55 -7.56 5.52 6.21
CA PHE A 55 -6.84 6.19 5.14
C PHE A 55 -7.53 5.97 3.79
N ILE A 56 -7.80 4.72 3.50
CA ILE A 56 -8.45 4.36 2.25
C ILE A 56 -9.74 5.19 2.10
N GLN A 57 -10.47 5.27 3.19
CA GLN A 57 -11.72 6.03 3.19
C GLN A 57 -11.46 7.49 3.57
N LEU A 58 -10.18 7.83 3.63
CA LEU A 58 -9.79 9.18 3.98
C LEU A 58 -9.02 9.80 2.80
N TYR A 59 -8.55 8.92 1.92
CA TYR A 59 -7.80 9.36 0.75
C TYR A 59 -8.61 9.14 -0.53
N ASN A 60 -8.85 7.86 -0.82
CA ASN A 60 -9.60 7.50 -2.01
C ASN A 60 -9.25 6.06 -2.40
N GLU A 61 -8.30 5.50 -1.68
CA GLU A 61 -7.87 4.13 -1.95
C GLU A 61 -6.62 4.13 -2.83
N SER A 62 -5.48 4.36 -2.20
CA SER A 62 -4.22 4.40 -2.93
C SER A 62 -3.19 5.22 -2.15
N GLU A 63 -3.70 6.09 -1.29
CA GLU A 63 -2.85 6.94 -0.48
C GLU A 63 -2.47 8.20 -1.26
N ILE A 64 -2.84 8.21 -2.53
CA ILE A 64 -2.54 9.35 -3.39
C ILE A 64 -3.52 9.35 -4.56
N ASP A 65 -4.59 8.60 -4.41
CA ASP A 65 -5.60 8.51 -5.45
C ASP A 65 -5.84 9.89 -6.04
N GLU A 66 -5.76 10.90 -5.18
CA GLU A 66 -5.96 12.27 -5.60
C GLU A 66 -5.29 12.53 -6.95
N PRO A 67 -6.02 13.25 -7.83
CA PRO A 67 -5.51 13.56 -9.15
C PRO A 67 -4.44 14.66 -9.08
N LEU A 68 -3.22 14.23 -8.78
CA LEU A 68 -2.12 15.17 -8.67
C LEU A 68 -1.36 15.21 -10.01
N ILE A 69 -1.56 14.16 -10.80
CA ILE A 69 -0.92 14.06 -12.09
C ILE A 69 0.58 13.77 -11.88
N GLN A 70 0.89 13.24 -10.71
CA GLN A 70 2.26 12.90 -10.37
C GLN A 70 2.38 12.56 -8.89
N LEU A 71 1.58 11.59 -8.47
CA LEU A 71 1.58 11.15 -7.09
C LEU A 71 0.77 9.87 -6.96
N ASP A 72 -0.37 9.85 -7.64
CA ASP A 72 -1.25 8.69 -7.61
C ASP A 72 -0.55 7.52 -8.30
N ASP A 73 -0.02 7.80 -9.47
CA ASP A 73 0.66 6.77 -10.24
C ASP A 73 2.11 6.66 -9.75
N ASP A 74 2.57 7.72 -9.09
CA ASP A 74 3.93 7.76 -8.58
C ASP A 74 4.05 6.75 -7.43
N THR A 75 2.96 6.60 -6.70
CA THR A 75 2.93 5.68 -5.57
C THR A 75 2.21 4.39 -5.95
N ALA A 76 1.05 4.56 -6.56
CA ALA A 76 0.24 3.42 -6.98
C ALA A 76 1.09 2.52 -7.87
N GLU A 77 1.87 3.14 -8.74
CA GLU A 77 2.72 2.40 -9.65
C GLU A 77 3.93 1.84 -8.90
N LEU A 78 4.16 2.39 -7.71
CA LEU A 78 5.28 1.96 -6.89
C LEU A 78 4.97 0.57 -6.32
N MET A 79 3.81 0.48 -5.67
CA MET A 79 3.39 -0.78 -5.07
C MET A 79 2.83 -1.73 -6.13
N LYS A 80 2.43 -1.14 -7.24
CA LYS A 80 1.88 -1.93 -8.35
C LYS A 80 3.02 -2.50 -9.19
N GLN A 81 3.83 -1.59 -9.72
CA GLN A 81 4.95 -1.99 -10.54
C GLN A 81 5.87 -2.94 -9.76
N ALA A 82 6.03 -2.64 -8.48
CA ALA A 82 6.87 -3.45 -7.62
C ALA A 82 6.17 -4.78 -7.35
N ARG A 83 5.01 -4.69 -6.72
CA ARG A 83 4.24 -5.89 -6.39
C ARG A 83 4.05 -6.75 -7.65
N ASP A 84 4.36 -6.16 -8.79
CA ASP A 84 4.23 -6.87 -10.05
C ASP A 84 5.62 -7.29 -10.55
N MET A 85 6.62 -6.52 -10.13
CA MET A 85 7.99 -6.80 -10.51
C MET A 85 8.52 -8.03 -9.77
N TYR A 86 7.84 -8.38 -8.70
CA TYR A 86 8.23 -9.53 -7.89
C TYR A 86 7.38 -9.63 -6.63
N GLY A 87 6.93 -8.47 -6.16
CA GLY A 87 6.10 -8.42 -4.96
C GLY A 87 6.56 -7.29 -4.03
N GLN A 88 6.80 -6.14 -4.64
CA GLN A 88 7.24 -4.98 -3.88
C GLN A 88 8.72 -5.10 -3.54
N GLU A 89 9.21 -6.34 -3.57
CA GLU A 89 10.60 -6.61 -3.26
C GLU A 89 10.87 -8.11 -3.31
N LYS A 90 10.12 -8.79 -4.16
CA LYS A 90 10.26 -10.23 -4.30
C LYS A 90 9.74 -10.93 -3.05
N LEU A 91 8.61 -10.43 -2.57
CA LEU A 91 8.00 -10.99 -1.38
C LEU A 91 6.57 -11.43 -1.70
N ASN A 92 6.23 -11.33 -2.97
CA ASN A 92 4.91 -11.72 -3.44
C ASN A 92 4.59 -13.12 -2.93
N GLU A 93 5.62 -13.95 -2.86
CA GLU A 93 5.47 -15.32 -2.39
C GLU A 93 4.47 -15.37 -1.24
N LYS A 94 4.59 -14.39 -0.35
CA LYS A 94 3.71 -14.33 0.81
C LYS A 94 2.97 -12.98 0.80
N LEU A 95 3.59 -12.00 0.16
CA LEU A 95 3.01 -10.68 0.06
C LEU A 95 1.76 -10.74 -0.82
N ASN A 96 1.89 -11.42 -1.95
CA ASN A 96 0.79 -11.56 -2.88
C ASN A 96 -0.51 -11.81 -2.09
N THR A 97 -0.37 -12.49 -0.97
CA THR A 97 -1.50 -12.78 -0.12
C THR A 97 -1.80 -11.60 0.81
N ILE A 98 -0.74 -10.96 1.26
CA ILE A 98 -0.87 -9.82 2.15
C ILE A 98 -1.41 -8.63 1.36
N ILE A 99 -0.96 -8.51 0.13
CA ILE A 99 -1.38 -7.43 -0.74
C ILE A 99 -2.83 -7.67 -1.17
N LYS A 100 -3.11 -8.91 -1.55
CA LYS A 100 -4.44 -9.28 -1.99
C LYS A 100 -5.41 -9.14 -0.81
N GLN A 101 -4.86 -9.27 0.39
CA GLN A 101 -5.66 -9.17 1.60
C GLN A 101 -5.96 -7.70 1.91
N ILE A 102 -4.93 -6.88 1.80
CA ILE A 102 -5.08 -5.46 2.07
C ILE A 102 -5.80 -4.79 0.89
N LEU A 103 -5.90 -5.54 -0.19
CA LEU A 103 -6.56 -5.04 -1.38
C LEU A 103 -7.94 -5.69 -1.52
N SER A 104 -8.08 -6.83 -0.86
CA SER A 104 -9.33 -7.57 -0.88
C SER A 104 -10.17 -7.22 0.34
N ILE A 105 -9.55 -6.51 1.27
CA ILE A 105 -10.22 -6.11 2.50
C ILE A 105 -11.42 -5.23 2.14
N SER A 106 -11.47 -4.83 0.88
CA SER A 106 -12.56 -3.99 0.40
C SER A 106 -12.22 -2.52 0.65
N VAL A 107 -10.99 -2.16 0.32
CA VAL A 107 -10.54 -0.79 0.51
C VAL A 107 -9.76 -0.35 -0.74
N SER A 108 -8.79 -1.18 -1.11
CA SER A 108 -7.97 -0.88 -2.27
C SER A 108 -8.84 -0.39 -3.43
N GLU A 109 -9.89 -1.14 -3.69
CA GLU A 109 -10.81 -0.80 -4.76
C GLU A 109 -11.54 -2.06 -5.27
N GLU A 110 -11.93 -2.89 -4.31
CA GLU A 110 -12.63 -4.12 -4.64
C GLU A 110 -14.04 -3.81 -5.13
N GLY A 111 -14.74 -3.01 -4.34
CA GLY A 111 -16.10 -2.63 -4.67
C GLY A 111 -16.12 -1.39 -5.57
N GLU A 112 -15.31 -1.44 -6.62
CA GLU A 112 -15.22 -0.34 -7.55
C GLU A 112 -14.56 -0.79 -8.86
N LYS A 113 -13.56 -1.64 -8.70
CA LYS A 113 -12.84 -2.17 -9.86
C LYS A 113 -11.72 -3.09 -9.37
N GLU A 114 -11.79 -4.33 -9.84
CA GLU A 114 -10.80 -5.32 -9.47
C GLU A 114 -11.22 -6.04 -8.19
N LEU A 115 -11.72 -7.26 -8.37
CA LEU A 115 -12.17 -8.05 -7.24
C LEU A 115 -11.37 -9.37 -7.20
N VAL A 116 -11.77 -10.23 -6.29
CA VAL A 116 -11.11 -11.52 -6.14
C VAL A 116 -12.16 -12.63 -6.09
N PRO A 117 -12.77 -12.89 -7.27
CA PRO A 117 -13.79 -13.91 -7.38
C PRO A 117 -13.17 -15.31 -7.36
N ARG A 118 -14.04 -16.31 -7.43
CA ARG A 118 -13.59 -17.69 -7.42
C ARG A 118 -14.78 -18.64 -7.45
N CYS A 7 4.62 14.16 1.93
CA CYS A 7 3.94 13.28 2.87
C CYS A 7 3.38 14.12 4.01
N THR A 8 4.07 15.22 4.29
CA THR A 8 3.65 16.12 5.35
C THR A 8 3.39 17.52 4.80
N PHE A 9 3.60 17.65 3.50
CA PHE A 9 3.40 18.93 2.82
C PHE A 9 1.93 19.37 2.93
N PHE A 10 1.04 18.39 2.79
CA PHE A 10 -0.38 18.67 2.85
C PHE A 10 -0.82 18.95 4.30
N GLU A 11 -0.72 17.92 5.12
CA GLU A 11 -1.09 18.04 6.52
C GLU A 11 -0.43 16.93 7.35
N LYS A 12 -1.06 15.76 7.31
CA LYS A 12 -0.54 14.62 8.05
C LYS A 12 0.22 13.70 7.08
N HIS A 13 -0.51 12.71 6.57
CA HIS A 13 0.08 11.77 5.64
C HIS A 13 -1.00 10.81 5.12
N HIS A 14 -2.20 11.35 5.00
CA HIS A 14 -3.32 10.57 4.51
C HIS A 14 -3.30 9.18 5.17
N ARG A 15 -3.09 9.19 6.48
CA ARG A 15 -3.04 7.95 7.23
C ARG A 15 -1.68 7.25 7.03
N LYS A 16 -0.65 8.06 6.96
CA LYS A 16 0.70 7.55 6.77
C LYS A 16 0.71 6.58 5.59
N TRP A 17 -0.14 6.88 4.62
CA TRP A 17 -0.25 6.05 3.43
C TRP A 17 1.01 6.29 2.58
N ASP A 18 1.35 7.55 2.41
CA ASP A 18 2.52 7.92 1.63
C ASP A 18 3.77 7.70 2.47
N ILE A 19 3.60 7.78 3.79
CA ILE A 19 4.71 7.59 4.70
C ILE A 19 5.04 6.10 4.80
N LEU A 20 4.00 5.29 4.74
CA LEU A 20 4.15 3.85 4.82
C LEU A 20 4.56 3.31 3.45
N LEU A 21 4.00 3.93 2.41
CA LEU A 21 4.31 3.53 1.05
C LEU A 21 5.71 4.00 0.68
N GLU A 22 6.15 5.05 1.36
CA GLU A 22 7.47 5.61 1.11
C GLU A 22 8.48 5.01 2.08
N LYS A 23 7.98 4.51 3.20
CA LYS A 23 8.83 3.90 4.20
C LYS A 23 9.25 2.51 3.75
N SER A 24 8.31 1.80 3.15
CA SER A 24 8.57 0.46 2.65
C SER A 24 10.01 0.35 2.16
N THR A 25 10.33 1.18 1.17
CA THR A 25 11.67 1.20 0.62
C THR A 25 11.79 0.15 -0.49
N GLY A 26 11.16 -0.99 -0.26
CA GLY A 26 11.18 -2.08 -1.22
C GLY A 26 12.62 -2.57 -1.46
N VAL A 27 13.55 -1.91 -0.80
CA VAL A 27 14.95 -2.26 -0.92
C VAL A 27 15.16 -3.70 -0.43
N MET A 28 14.25 -4.12 0.44
CA MET A 28 14.33 -5.47 0.98
C MET A 28 15.30 -5.53 2.17
N GLU A 29 15.54 -4.36 2.75
CA GLU A 29 16.44 -4.27 3.89
C GLU A 29 16.50 -2.83 4.40
N ALA A 30 16.50 -1.90 3.46
CA ALA A 30 16.55 -0.49 3.80
C ALA A 30 15.39 -0.16 4.75
N MET A 31 14.42 -1.06 4.79
CA MET A 31 13.26 -0.87 5.64
C MET A 31 12.20 -1.94 5.37
N LYS A 32 12.69 -3.14 5.05
CA LYS A 32 11.80 -4.25 4.77
C LYS A 32 12.25 -5.48 5.55
N VAL A 33 13.32 -5.29 6.31
CA VAL A 33 13.86 -6.37 7.12
C VAL A 33 13.08 -6.46 8.44
N THR A 34 11.77 -6.46 8.31
CA THR A 34 10.90 -6.53 9.47
C THR A 34 10.20 -7.89 9.53
N SER A 35 11.01 -8.94 9.49
CA SER A 35 10.48 -10.29 9.52
C SER A 35 9.79 -10.63 8.20
N GLU A 36 9.99 -9.75 7.23
CA GLU A 36 9.40 -9.94 5.92
C GLU A 36 7.87 -9.92 6.01
N GLU A 37 7.32 -11.03 6.48
CA GLU A 37 5.88 -11.15 6.62
C GLU A 37 5.31 -9.92 7.32
N LYS A 38 6.07 -9.41 8.28
CA LYS A 38 5.67 -8.23 9.02
C LYS A 38 6.15 -6.98 8.31
N GLU A 39 7.15 -7.18 7.44
CA GLU A 39 7.71 -6.07 6.69
C GLU A 39 6.62 -5.38 5.87
N GLN A 40 5.61 -6.15 5.52
CA GLN A 40 4.49 -5.62 4.73
C GLN A 40 3.19 -5.71 5.53
N LEU A 41 3.20 -6.61 6.50
CA LEU A 41 2.03 -6.81 7.35
C LEU A 41 2.06 -5.81 8.50
N SER A 42 3.12 -5.91 9.29
CA SER A 42 3.30 -5.02 10.44
C SER A 42 3.45 -3.57 9.95
N THR A 43 3.81 -3.44 8.69
CA THR A 43 4.00 -2.13 8.09
C THR A 43 2.70 -1.66 7.42
N ALA A 44 1.89 -2.62 7.01
CA ALA A 44 0.64 -2.33 6.36
C ALA A 44 -0.52 -2.64 7.32
N ILE A 45 -0.15 -3.04 8.52
CA ILE A 45 -1.14 -3.37 9.53
C ILE A 45 -0.96 -2.44 10.74
N ASP A 46 0.29 -2.13 11.02
CA ASP A 46 0.61 -1.25 12.14
C ASP A 46 -0.58 -0.30 12.39
N ARG A 47 -0.83 0.55 11.40
CA ARG A 47 -1.92 1.50 11.51
C ARG A 47 -2.79 1.45 10.25
N MET A 48 -2.26 0.78 9.23
CA MET A 48 -2.98 0.65 7.98
C MET A 48 -4.16 -0.31 8.11
N ASN A 49 -4.06 -1.19 9.10
CA ASN A 49 -5.11 -2.16 9.35
C ASN A 49 -6.47 -1.49 9.18
N GLU A 50 -6.92 -0.84 10.24
CA GLU A 50 -8.20 -0.15 10.21
C GLU A 50 -8.04 1.25 9.62
N GLY A 51 -6.81 1.73 9.64
CA GLY A 51 -6.51 3.05 9.12
C GLY A 51 -6.65 3.08 7.59
N LEU A 52 -6.30 1.97 6.98
CA LEU A 52 -6.40 1.85 5.53
C LEU A 52 -7.83 1.52 5.14
N ASP A 53 -8.31 0.41 5.67
CA ASP A 53 -9.67 -0.04 5.37
C ASP A 53 -10.62 1.16 5.46
N ALA A 54 -10.34 2.03 6.41
CA ALA A 54 -11.15 3.21 6.61
C ALA A 54 -10.85 4.23 5.51
N PHE A 55 -9.63 4.73 5.53
CA PHE A 55 -9.20 5.70 4.53
C PHE A 55 -9.53 5.22 3.11
N ILE A 56 -9.44 3.92 2.93
CA ILE A 56 -9.73 3.31 1.64
C ILE A 56 -11.20 3.56 1.27
N GLN A 57 -12.06 3.26 2.23
CA GLN A 57 -13.49 3.45 2.02
C GLN A 57 -13.85 4.93 2.10
N LEU A 58 -12.84 5.74 2.38
CA LEU A 58 -13.03 7.17 2.48
C LEU A 58 -12.42 7.85 1.26
N TYR A 59 -11.41 7.21 0.70
CA TYR A 59 -10.74 7.73 -0.47
C TYR A 59 -10.75 6.72 -1.62
N ASN A 60 -9.94 5.68 -1.47
CA ASN A 60 -9.86 4.65 -2.49
C ASN A 60 -8.77 3.64 -2.09
N GLU A 61 -7.57 4.17 -1.89
CA GLU A 61 -6.44 3.34 -1.51
C GLU A 61 -5.13 3.98 -2.00
N SER A 62 -5.28 4.98 -2.86
CA SER A 62 -4.12 5.66 -3.40
C SER A 62 -4.30 7.18 -3.24
N GLU A 63 -4.73 7.57 -2.05
CA GLU A 63 -4.94 8.97 -1.75
C GLU A 63 -3.80 9.51 -0.90
N ILE A 64 -2.65 8.87 -1.03
CA ILE A 64 -1.47 9.27 -0.29
C ILE A 64 -1.04 10.67 -0.74
N ASP A 65 -1.07 10.87 -2.05
CA ASP A 65 -0.68 12.16 -2.62
C ASP A 65 -1.90 12.78 -3.31
N GLU A 66 -2.49 12.03 -4.22
CA GLU A 66 -3.65 12.50 -4.95
C GLU A 66 -3.44 13.94 -5.42
N PRO A 67 -2.64 14.08 -6.52
CA PRO A 67 -2.34 15.39 -7.07
C PRO A 67 -3.56 15.94 -7.83
N LEU A 68 -4.62 15.15 -7.84
CA LEU A 68 -5.84 15.55 -8.53
C LEU A 68 -5.75 15.15 -10.00
N ILE A 69 -4.63 14.51 -10.34
CA ILE A 69 -4.41 14.08 -11.70
C ILE A 69 -4.82 12.61 -11.85
N GLN A 70 -4.84 11.93 -10.71
CA GLN A 70 -5.22 10.52 -10.69
C GLN A 70 -5.27 10.01 -9.25
N LEU A 71 -4.10 9.87 -8.66
CA LEU A 71 -4.00 9.39 -7.29
C LEU A 71 -3.89 7.86 -7.31
N ASP A 72 -4.57 7.26 -8.26
CA ASP A 72 -4.56 5.81 -8.39
C ASP A 72 -3.19 5.35 -8.87
N ASP A 73 -2.69 6.06 -9.87
CA ASP A 73 -1.38 5.74 -10.44
C ASP A 73 -0.29 6.38 -9.58
N ASP A 74 -0.72 7.23 -8.67
CA ASP A 74 0.21 7.91 -7.78
C ASP A 74 0.71 6.93 -6.72
N THR A 75 -0.17 6.02 -6.33
CA THR A 75 0.17 5.02 -5.33
C THR A 75 0.25 3.63 -5.98
N ALA A 76 -0.41 3.51 -7.12
CA ALA A 76 -0.42 2.25 -7.84
C ALA A 76 0.88 2.10 -8.63
N GLU A 77 1.40 3.24 -9.08
CA GLU A 77 2.65 3.24 -9.83
C GLU A 77 3.78 2.67 -8.99
N LEU A 78 3.67 2.86 -7.68
CA LEU A 78 4.68 2.37 -6.77
C LEU A 78 4.35 0.93 -6.37
N MET A 79 3.18 0.76 -5.77
CA MET A 79 2.75 -0.56 -5.34
C MET A 79 2.85 -1.57 -6.49
N LYS A 80 2.65 -1.07 -7.70
CA LYS A 80 2.72 -1.91 -8.88
C LYS A 80 4.19 -2.11 -9.27
N GLN A 81 4.90 -1.00 -9.39
CA GLN A 81 6.31 -1.04 -9.75
C GLN A 81 7.08 -1.95 -8.79
N ALA A 82 6.53 -2.08 -7.60
CA ALA A 82 7.15 -2.92 -6.58
C ALA A 82 6.67 -4.36 -6.74
N ARG A 83 5.40 -4.56 -6.38
CA ARG A 83 4.81 -5.88 -6.49
C ARG A 83 5.09 -6.49 -7.86
N ASP A 84 5.46 -5.63 -8.79
CA ASP A 84 5.76 -6.07 -10.15
C ASP A 84 7.28 -6.24 -10.29
N MET A 85 8.00 -5.32 -9.66
CA MET A 85 9.46 -5.35 -9.72
C MET A 85 9.99 -6.66 -9.13
N TYR A 86 9.15 -7.31 -8.35
CA TYR A 86 9.53 -8.56 -7.71
C TYR A 86 8.48 -8.99 -6.68
N GLY A 87 7.72 -8.02 -6.22
CA GLY A 87 6.67 -8.28 -5.24
C GLY A 87 6.78 -7.31 -4.06
N GLN A 88 7.30 -6.13 -4.36
CA GLN A 88 7.45 -5.11 -3.34
C GLN A 88 8.61 -5.45 -2.41
N GLU A 89 9.03 -6.71 -2.47
CA GLU A 89 10.13 -7.17 -1.64
C GLU A 89 10.38 -8.66 -1.89
N LYS A 90 10.01 -9.10 -3.08
CA LYS A 90 10.20 -10.49 -3.46
C LYS A 90 9.34 -11.38 -2.54
N LEU A 91 8.19 -10.84 -2.16
CA LEU A 91 7.28 -11.57 -1.29
C LEU A 91 5.92 -11.70 -1.98
N ASN A 92 5.86 -11.18 -3.20
CA ASN A 92 4.63 -11.25 -3.97
C ASN A 92 3.93 -12.59 -3.73
N GLU A 93 4.75 -13.62 -3.63
CA GLU A 93 4.24 -14.96 -3.39
C GLU A 93 3.13 -14.92 -2.34
N LYS A 94 3.37 -14.12 -1.31
CA LYS A 94 2.40 -13.99 -0.23
C LYS A 94 2.00 -12.52 -0.08
N LEU A 95 2.64 -11.68 -0.89
CA LEU A 95 2.37 -10.25 -0.86
C LEU A 95 1.16 -9.96 -1.74
N ASN A 96 0.95 -10.81 -2.73
CA ASN A 96 -0.16 -10.64 -3.64
C ASN A 96 -1.47 -10.60 -2.84
N THR A 97 -1.58 -11.52 -1.89
CA THR A 97 -2.77 -11.59 -1.06
C THR A 97 -2.60 -10.70 0.17
N ILE A 98 -1.39 -10.68 0.69
CA ILE A 98 -1.09 -9.87 1.86
C ILE A 98 -1.27 -8.39 1.52
N ILE A 99 -1.05 -8.08 0.25
CA ILE A 99 -1.19 -6.71 -0.21
C ILE A 99 -2.67 -6.42 -0.49
N LYS A 100 -3.29 -7.35 -1.21
CA LYS A 100 -4.70 -7.19 -1.55
C LYS A 100 -5.53 -7.12 -0.26
N GLN A 101 -4.93 -7.59 0.82
CA GLN A 101 -5.59 -7.59 2.11
C GLN A 101 -5.05 -6.45 2.98
N ILE A 102 -3.73 -6.38 3.06
CA ILE A 102 -3.08 -5.35 3.85
C ILE A 102 -3.06 -4.05 3.05
N LEU A 103 -3.61 -4.10 1.85
CA LEU A 103 -3.66 -2.94 0.99
C LEU A 103 -5.11 -2.63 0.64
N SER A 104 -5.87 -3.69 0.40
CA SER A 104 -7.27 -3.54 0.05
C SER A 104 -8.15 -4.12 1.17
N ILE A 105 -7.61 -5.12 1.85
CA ILE A 105 -8.33 -5.75 2.94
C ILE A 105 -9.64 -6.35 2.41
N SER A 106 -9.70 -6.49 1.09
CA SER A 106 -10.88 -7.03 0.45
C SER A 106 -11.95 -5.96 0.33
N VAL A 107 -11.57 -4.74 0.69
CA VAL A 107 -12.49 -3.62 0.62
C VAL A 107 -12.21 -2.80 -0.64
N SER A 108 -11.01 -2.99 -1.16
CA SER A 108 -10.60 -2.27 -2.37
C SER A 108 -10.44 -3.26 -3.53
N GLU A 109 -10.24 -4.52 -3.17
CA GLU A 109 -10.08 -5.56 -4.17
C GLU A 109 -11.06 -5.35 -5.32
N GLU A 110 -12.22 -4.80 -4.98
CA GLU A 110 -13.25 -4.54 -5.98
C GLU A 110 -13.80 -5.86 -6.53
N GLY A 111 -13.33 -6.95 -5.93
CA GLY A 111 -13.77 -8.27 -6.35
C GLY A 111 -13.32 -8.57 -7.78
N GLU A 112 -13.76 -7.71 -8.69
CA GLU A 112 -13.42 -7.88 -10.10
C GLU A 112 -13.53 -6.53 -10.82
N LYS A 113 -13.49 -5.46 -10.04
CA LYS A 113 -13.57 -4.12 -10.59
C LYS A 113 -12.17 -3.50 -10.63
N GLU A 114 -11.17 -4.37 -10.63
CA GLU A 114 -9.79 -3.92 -10.66
C GLU A 114 -9.09 -4.43 -11.92
N LEU A 115 -9.80 -4.32 -13.03
CA LEU A 115 -9.25 -4.78 -14.31
C LEU A 115 -9.70 -3.83 -15.42
N VAL A 116 -8.75 -3.46 -16.27
CA VAL A 116 -9.04 -2.56 -17.37
C VAL A 116 -8.22 -2.98 -18.59
N PRO A 117 -8.78 -3.98 -19.34
CA PRO A 117 -8.11 -4.48 -20.52
C PRO A 117 -8.24 -3.50 -21.69
N ARG A 118 -7.43 -3.72 -22.70
CA ARG A 118 -7.44 -2.86 -23.88
C ARG A 118 -7.47 -1.39 -23.46
N CYS A 7 2.97 14.34 3.93
CA CYS A 7 3.62 13.86 5.13
C CYS A 7 4.65 14.90 5.58
N THR A 8 4.79 15.94 4.76
CA THR A 8 5.72 17.01 5.06
C THR A 8 5.18 17.91 6.16
N PHE A 9 4.26 18.78 5.77
CA PHE A 9 3.66 19.70 6.72
C PHE A 9 2.58 19.01 7.55
N PHE A 10 1.35 19.07 7.04
CA PHE A 10 0.22 18.45 7.72
C PHE A 10 -0.46 17.42 6.82
N GLU A 11 -0.72 17.84 5.59
CA GLU A 11 -1.36 16.96 4.62
C GLU A 11 -2.61 16.33 5.24
N LYS A 12 -3.18 15.39 4.50
CA LYS A 12 -4.38 14.70 4.95
C LYS A 12 -3.97 13.44 5.73
N HIS A 13 -3.60 12.41 4.97
CA HIS A 13 -3.20 11.16 5.57
C HIS A 13 -1.89 10.70 4.94
N HIS A 14 -1.11 11.67 4.48
CA HIS A 14 0.17 11.37 3.86
C HIS A 14 1.16 10.91 4.92
N ARG A 15 0.98 11.44 6.14
CA ARG A 15 1.85 11.09 7.24
C ARG A 15 1.36 9.81 7.92
N LYS A 16 1.09 8.80 7.09
CA LYS A 16 0.61 7.52 7.59
C LYS A 16 0.37 6.58 6.41
N TRP A 17 -0.60 6.94 5.59
CA TRP A 17 -0.94 6.14 4.42
C TRP A 17 0.20 6.28 3.41
N ASP A 18 0.49 7.52 3.06
CA ASP A 18 1.54 7.80 2.10
C ASP A 18 2.90 7.60 2.77
N ILE A 19 2.91 7.81 4.08
CA ILE A 19 4.13 7.66 4.85
C ILE A 19 4.53 6.18 4.88
N LEU A 20 3.51 5.33 4.92
CA LEU A 20 3.73 3.89 4.96
C LEU A 20 4.04 3.40 3.54
N LEU A 21 3.39 4.03 2.57
CA LEU A 21 3.58 3.66 1.19
C LEU A 21 4.79 4.41 0.62
N GLU A 22 5.36 5.27 1.46
CA GLU A 22 6.52 6.04 1.05
C GLU A 22 7.73 5.66 1.90
N LYS A 23 7.45 5.02 3.03
CA LYS A 23 8.50 4.60 3.94
C LYS A 23 8.54 3.08 3.98
N SER A 24 7.54 2.47 3.39
CA SER A 24 7.45 1.01 3.36
C SER A 24 7.39 0.52 1.91
N THR A 25 6.28 0.82 1.26
CA THR A 25 6.08 0.41 -0.12
C THR A 25 6.87 1.33 -1.06
N GLY A 26 8.15 1.48 -0.74
CA GLY A 26 9.02 2.33 -1.54
C GLY A 26 10.38 2.51 -0.87
N VAL A 27 10.70 1.58 0.02
CA VAL A 27 11.95 1.63 0.74
C VAL A 27 12.70 0.31 0.55
N MET A 28 11.95 -0.78 0.66
CA MET A 28 12.52 -2.10 0.50
C MET A 28 13.39 -2.47 1.70
N GLU A 29 13.37 -1.59 2.69
CA GLU A 29 14.16 -1.81 3.91
C GLU A 29 13.24 -2.02 5.10
N ALA A 30 12.48 -0.98 5.43
CA ALA A 30 11.56 -1.05 6.55
C ALA A 30 10.30 -1.79 6.11
N MET A 31 10.30 -2.23 4.87
CA MET A 31 9.17 -2.96 4.33
C MET A 31 9.58 -4.36 3.89
N LYS A 32 10.87 -4.52 3.64
CA LYS A 32 11.40 -5.81 3.21
C LYS A 32 12.47 -6.26 4.20
N VAL A 33 13.29 -5.31 4.63
CA VAL A 33 14.36 -5.59 5.56
C VAL A 33 13.86 -5.36 6.99
N THR A 34 12.86 -6.14 7.38
CA THR A 34 12.28 -6.02 8.71
C THR A 34 12.25 -7.39 9.39
N SER A 35 12.07 -8.42 8.58
CA SER A 35 12.01 -9.78 9.09
C SER A 35 11.05 -10.62 8.25
N GLU A 36 10.65 -10.06 7.11
CA GLU A 36 9.74 -10.74 6.22
C GLU A 36 8.37 -10.89 6.87
N GLU A 37 8.32 -11.78 7.86
CA GLU A 37 7.08 -12.03 8.57
C GLU A 37 6.44 -10.71 9.00
N LYS A 38 7.29 -9.78 9.40
CA LYS A 38 6.82 -8.47 9.84
C LYS A 38 6.84 -7.51 8.66
N GLU A 39 7.65 -7.85 7.66
CA GLU A 39 7.77 -7.02 6.48
C GLU A 39 6.47 -7.03 5.69
N GLN A 40 5.60 -7.97 6.05
CA GLN A 40 4.31 -8.09 5.38
C GLN A 40 3.18 -7.95 6.39
N LEU A 41 3.42 -8.49 7.58
CA LEU A 41 2.42 -8.43 8.64
C LEU A 41 2.47 -7.03 9.29
N SER A 42 3.62 -6.72 9.85
CA SER A 42 3.82 -5.44 10.50
C SER A 42 3.85 -4.32 9.46
N THR A 43 4.03 -4.72 8.21
CA THR A 43 4.08 -3.77 7.12
C THR A 43 2.70 -3.58 6.51
N ALA A 44 1.85 -4.58 6.69
CA ALA A 44 0.51 -4.54 6.16
C ALA A 44 -0.49 -4.40 7.32
N ILE A 45 0.06 -4.30 8.52
CA ILE A 45 -0.75 -4.16 9.71
C ILE A 45 -0.36 -2.88 10.45
N ASP A 46 0.94 -2.65 10.50
CA ASP A 46 1.46 -1.46 11.17
C ASP A 46 0.36 -0.40 11.25
N ARG A 47 0.09 0.21 10.10
CA ARG A 47 -0.92 1.24 10.02
C ARG A 47 -1.85 0.98 8.84
N MET A 48 -1.46 0.02 8.01
CA MET A 48 -2.24 -0.35 6.84
C MET A 48 -3.51 -1.08 7.25
N ASN A 49 -3.48 -1.64 8.45
CA ASN A 49 -4.63 -2.38 8.96
C ASN A 49 -5.85 -1.46 8.99
N GLU A 50 -5.95 -0.69 10.06
CA GLU A 50 -7.06 0.23 10.22
C GLU A 50 -6.76 1.56 9.52
N GLY A 51 -5.46 1.84 9.41
CA GLY A 51 -5.03 3.07 8.76
C GLY A 51 -5.39 3.07 7.28
N LEU A 52 -5.16 1.94 6.64
CA LEU A 52 -5.46 1.79 5.23
C LEU A 52 -6.98 1.76 5.03
N ASP A 53 -7.63 0.99 5.88
CA ASP A 53 -9.08 0.87 5.81
C ASP A 53 -9.72 2.16 6.31
N ALA A 54 -8.95 2.90 7.08
CA ALA A 54 -9.43 4.16 7.63
C ALA A 54 -9.30 5.25 6.56
N PHE A 55 -8.08 5.73 6.40
CA PHE A 55 -7.82 6.78 5.42
C PHE A 55 -8.61 6.54 4.14
N ILE A 56 -8.63 5.29 3.71
CA ILE A 56 -9.34 4.91 2.50
C ILE A 56 -10.84 5.07 2.73
N GLN A 57 -11.29 4.54 3.87
CA GLN A 57 -12.70 4.62 4.23
C GLN A 57 -13.07 6.05 4.64
N LEU A 58 -12.06 6.91 4.66
CA LEU A 58 -12.26 8.29 5.04
C LEU A 58 -11.87 9.20 3.87
N TYR A 59 -11.14 8.61 2.92
CA TYR A 59 -10.70 9.35 1.75
C TYR A 59 -11.12 8.64 0.46
N ASN A 60 -10.50 7.49 0.24
CA ASN A 60 -10.79 6.70 -0.94
C ASN A 60 -10.16 7.38 -2.17
N GLU A 61 -8.94 7.84 -1.98
CA GLU A 61 -8.22 8.50 -3.06
C GLU A 61 -7.46 7.48 -3.91
N SER A 62 -7.16 6.35 -3.29
CA SER A 62 -6.45 5.29 -3.97
C SER A 62 -4.93 5.46 -3.76
N GLU A 63 -4.56 6.64 -3.29
CA GLU A 63 -3.17 6.94 -3.05
C GLU A 63 -3.04 7.97 -1.93
N ILE A 64 -3.40 9.21 -2.25
CA ILE A 64 -3.33 10.29 -1.28
C ILE A 64 -3.63 11.62 -1.98
N ASP A 65 -2.73 11.98 -2.89
CA ASP A 65 -2.90 13.22 -3.64
C ASP A 65 -4.27 13.23 -4.31
N GLU A 66 -4.39 12.40 -5.34
CA GLU A 66 -5.64 12.30 -6.08
C GLU A 66 -5.47 11.40 -7.30
N PRO A 67 -6.62 10.88 -7.80
CA PRO A 67 -6.60 10.01 -8.97
C PRO A 67 -6.35 10.81 -10.24
N LEU A 68 -5.42 11.74 -10.16
CA LEU A 68 -5.08 12.56 -11.30
C LEU A 68 -4.01 11.87 -12.15
N ILE A 69 -3.36 10.88 -11.52
CA ILE A 69 -2.33 10.13 -12.20
C ILE A 69 -0.98 10.83 -12.02
N GLN A 70 -0.92 11.67 -10.99
CA GLN A 70 0.30 12.40 -10.69
C GLN A 70 0.97 11.83 -9.45
N LEU A 71 0.14 11.31 -8.55
CA LEU A 71 0.65 10.73 -7.31
C LEU A 71 0.09 9.32 -7.15
N ASP A 72 -1.09 9.12 -7.73
CA ASP A 72 -1.74 7.82 -7.66
C ASP A 72 -0.91 6.78 -8.42
N ASP A 73 -0.28 7.26 -9.49
CA ASP A 73 0.55 6.39 -10.31
C ASP A 73 1.97 6.37 -9.76
N ASP A 74 2.28 7.41 -8.99
CA ASP A 74 3.60 7.51 -8.38
C ASP A 74 3.76 6.44 -7.31
N THR A 75 2.69 6.24 -6.56
CA THR A 75 2.69 5.24 -5.50
C THR A 75 2.28 3.88 -6.05
N ALA A 76 1.32 3.89 -6.96
CA ALA A 76 0.82 2.67 -7.56
C ALA A 76 1.97 1.98 -8.28
N GLU A 77 2.89 2.78 -8.79
CA GLU A 77 4.04 2.26 -9.51
C GLU A 77 4.98 1.53 -8.54
N LEU A 78 4.89 1.91 -7.28
CA LEU A 78 5.72 1.31 -6.25
C LEU A 78 5.25 -0.12 -5.99
N MET A 79 3.98 -0.24 -5.63
CA MET A 79 3.39 -1.54 -5.36
C MET A 79 3.33 -2.39 -6.63
N LYS A 80 3.03 -1.72 -7.73
CA LYS A 80 2.93 -2.41 -9.02
C LYS A 80 4.33 -2.87 -9.44
N GLN A 81 5.26 -1.93 -9.44
CA GLN A 81 6.63 -2.23 -9.82
C GLN A 81 7.17 -3.40 -9.00
N ALA A 82 6.61 -3.55 -7.80
CA ALA A 82 7.02 -4.62 -6.90
C ALA A 82 6.54 -5.96 -7.47
N ARG A 83 5.25 -6.21 -7.28
CA ARG A 83 4.66 -7.45 -7.77
C ARG A 83 4.84 -7.57 -9.28
N ASP A 84 5.33 -6.49 -9.87
CA ASP A 84 5.55 -6.46 -11.31
C ASP A 84 6.85 -7.19 -11.64
N MET A 85 7.91 -6.77 -10.97
CA MET A 85 9.23 -7.37 -11.18
C MET A 85 9.33 -8.73 -10.48
N TYR A 86 8.59 -8.85 -9.38
CA TYR A 86 8.58 -10.08 -8.62
C TYR A 86 7.68 -9.96 -7.39
N GLY A 87 7.60 -8.73 -6.87
CA GLY A 87 6.78 -8.47 -5.71
C GLY A 87 7.61 -8.59 -4.42
N GLN A 88 8.86 -8.99 -4.60
CA GLN A 88 9.77 -9.15 -3.47
C GLN A 88 9.52 -8.05 -2.44
N GLU A 89 9.05 -6.91 -2.93
CA GLU A 89 8.77 -5.78 -2.06
C GLU A 89 7.93 -6.21 -0.87
N LYS A 90 6.63 -6.35 -1.11
CA LYS A 90 5.71 -6.76 -0.07
C LYS A 90 4.58 -7.57 -0.69
N LEU A 91 4.65 -7.74 -2.01
CA LEU A 91 3.64 -8.49 -2.72
C LEU A 91 4.32 -9.45 -3.69
N ASN A 92 5.10 -10.36 -3.13
CA ASN A 92 5.80 -11.35 -3.93
C ASN A 92 5.20 -12.73 -3.69
N GLU A 93 5.99 -13.59 -3.07
CA GLU A 93 5.55 -14.94 -2.78
C GLU A 93 4.55 -14.94 -1.62
N LYS A 94 5.11 -14.80 -0.42
CA LYS A 94 4.28 -14.77 0.78
C LYS A 94 3.74 -13.36 0.99
N LEU A 95 4.42 -12.39 0.38
CA LEU A 95 4.03 -11.01 0.49
C LEU A 95 2.77 -10.77 -0.36
N ASN A 96 2.73 -11.45 -1.50
CA ASN A 96 1.61 -11.32 -2.40
C ASN A 96 0.31 -11.63 -1.65
N THR A 97 0.39 -12.61 -0.77
CA THR A 97 -0.77 -13.00 0.02
C THR A 97 -1.08 -11.94 1.07
N ILE A 98 -0.02 -11.43 1.69
CA ILE A 98 -0.17 -10.42 2.72
C ILE A 98 -0.72 -9.13 2.08
N ILE A 99 -0.24 -8.87 0.87
CA ILE A 99 -0.66 -7.68 0.15
C ILE A 99 -2.00 -7.96 -0.54
N LYS A 100 -2.20 -9.22 -0.89
CA LYS A 100 -3.43 -9.63 -1.54
C LYS A 100 -4.62 -9.35 -0.61
N GLN A 101 -4.37 -9.52 0.68
CA GLN A 101 -5.40 -9.29 1.68
C GLN A 101 -5.50 -7.81 2.01
N ILE A 102 -4.34 -7.20 2.22
CA ILE A 102 -4.28 -5.78 2.54
C ILE A 102 -4.66 -4.95 1.31
N LEU A 103 -4.65 -5.64 0.16
CA LEU A 103 -4.99 -4.98 -1.08
C LEU A 103 -6.42 -5.36 -1.48
N SER A 104 -6.81 -6.55 -1.08
CA SER A 104 -8.15 -7.05 -1.39
C SER A 104 -9.13 -6.59 -0.32
N ILE A 105 -8.58 -6.04 0.76
CA ILE A 105 -9.40 -5.57 1.86
C ILE A 105 -10.24 -4.38 1.38
N SER A 106 -9.97 -3.96 0.15
CA SER A 106 -10.70 -2.84 -0.42
C SER A 106 -9.89 -1.55 -0.26
N VAL A 107 -8.62 -1.61 -0.69
CA VAL A 107 -7.74 -0.47 -0.59
C VAL A 107 -7.17 -0.16 -1.97
N SER A 108 -6.84 -1.22 -2.69
CA SER A 108 -6.28 -1.08 -4.02
C SER A 108 -7.13 -1.84 -5.04
N GLU A 109 -7.63 -2.99 -4.61
CA GLU A 109 -8.47 -3.82 -5.46
C GLU A 109 -9.81 -3.14 -5.70
N GLU A 110 -10.11 -2.17 -4.84
CA GLU A 110 -11.37 -1.44 -4.94
C GLU A 110 -11.10 0.07 -5.02
N GLY A 111 -9.85 0.40 -5.28
CA GLY A 111 -9.45 1.79 -5.38
C GLY A 111 -10.14 2.48 -6.57
N GLU A 112 -10.80 1.65 -7.37
CA GLU A 112 -11.51 2.16 -8.54
C GLU A 112 -12.34 1.04 -9.18
N LYS A 113 -11.74 -0.13 -9.24
CA LYS A 113 -12.42 -1.28 -9.83
C LYS A 113 -11.45 -2.46 -9.85
N GLU A 114 -10.61 -2.49 -10.87
CA GLU A 114 -9.64 -3.56 -11.03
C GLU A 114 -10.35 -4.88 -11.35
N LEU A 115 -11.27 -4.80 -12.29
CA LEU A 115 -12.02 -5.98 -12.71
C LEU A 115 -12.46 -6.75 -11.46
N VAL A 116 -12.75 -8.02 -11.68
CA VAL A 116 -13.18 -8.88 -10.58
C VAL A 116 -11.97 -9.63 -10.01
N PRO A 117 -11.97 -9.76 -8.66
CA PRO A 117 -10.87 -10.44 -7.98
C PRO A 117 -10.99 -11.96 -8.17
N ARG A 118 -10.18 -12.47 -9.09
CA ARG A 118 -10.18 -13.89 -9.37
C ARG A 118 -11.61 -14.44 -9.40
#